data_4Q0Z
#
_entry.id   4Q0Z
#
_cell.length_a   110.278
_cell.length_b   86.039
_cell.length_c   134.440
_cell.angle_alpha   90.00
_cell.angle_beta   110.95
_cell.angle_gamma   90.00
#
_symmetry.space_group_name_H-M   'P 1 21 1'
#
loop_
_entity.id
_entity.type
_entity.pdbx_description
1 polymer Rad2p
2 polymer "DNA (5'-D(*TP*GP*CP*TP*CP*CP*CP*TP*TP*GP*TP*CP*TP*CP*AP*GP*T)-3')"
3 polymer "DNA (5'-D(*TP*CP*TP*GP*AP*GP*AP*CP*AP*AP*GP*GP*GP*AP*GP*CP*T)-3')"
4 non-polymer 'CALCIUM ION'
5 non-polymer 'POTASSIUM ION'
6 water water
#
loop_
_entity_poly.entity_id
_entity_poly.type
_entity_poly.pdbx_seq_one_letter_code
_entity_poly.pdbx_strand_id
1 'polypeptide(L)'
;GVHSFWDIAGPTARPVRLESLEDKRMAVDASIWIYQFLKAVRDQEGNAVKNSHITGFFRRICKLLYFGIRPVFVFDGGVP
VLKRETIRQRKERRQGKRESAKSTARKLLANTTLSTSAERNVAENAFVEDELFEQQMKDKRDSDEVTMDMIKEVQELLSR
FGIPYITAPMEAEAQCAELLQLNLVDGIITDDSDVFLFGGTKIYKNMFHEKNYVEFYDAESILKLLGLDRKNMIELAQLL
GSDYTNGLKGMGPVSSIEVIAEFGNLKNFKDWYNNGQFDKRKQETENKFEKDLRKKLVNNEIILDDDFPSVMVYDAYMRP
EVDHDTTPFVWGVPDLDMLRSFMKTQLGWPHEKSDEILIPLIRDV
;
A,B,E,F
2 'polydeoxyribonucleotide' (DT)(DG)(DC)(DT)(DC)(DC)(DC)(DT)(DT)(DG)(DT)(DC)(DT)(DC)(DA)(DG)(DT) C,G
3 'polydeoxyribonucleotide' (DT)(DC)(DT)(DG)(DA)(DG)(DA)(DC)(DA)(DA)(DG)(DG)(DG)(DA)(DG)(DC)(DT) D,H
#
loop_
_chem_comp.id
_chem_comp.type
_chem_comp.name
_chem_comp.formula
CA non-polymer 'CALCIUM ION' 'Ca 2'
DA DNA linking 2'-DEOXYADENOSINE-5'-MONOPHOSPHATE 'C10 H14 N5 O6 P'
DC DNA linking 2'-DEOXYCYTIDINE-5'-MONOPHOSPHATE 'C9 H14 N3 O7 P'
DG DNA linking 2'-DEOXYGUANOSINE-5'-MONOPHOSPHATE 'C10 H14 N5 O7 P'
DT DNA linking THYMIDINE-5'-MONOPHOSPHATE 'C10 H15 N2 O8 P'
K non-polymer 'POTASSIUM ION' 'K 1'
#
# COMPACT_ATOMS: atom_id res chain seq x y z
N GLY A 1 -32.44 -19.56 5.76
CA GLY A 1 -32.06 -20.75 6.50
C GLY A 1 -30.80 -20.46 7.30
N VAL A 2 -30.29 -21.47 7.99
CA VAL A 2 -29.06 -21.32 8.76
C VAL A 2 -27.89 -21.69 7.88
N HIS A 3 -26.88 -20.83 7.80
CA HIS A 3 -25.76 -21.05 6.89
C HIS A 3 -25.07 -22.36 7.23
N SER A 4 -24.90 -23.19 6.19
CA SER A 4 -24.21 -24.49 6.32
C SER A 4 -24.97 -25.57 7.07
N PHE A 5 -26.19 -25.29 7.50
CA PHE A 5 -26.94 -26.29 8.25
C PHE A 5 -27.19 -27.58 7.46
N TRP A 6 -27.45 -27.48 6.16
CA TRP A 6 -27.63 -28.68 5.34
C TRP A 6 -26.34 -29.50 5.24
N ASP A 7 -25.19 -28.83 5.25
CA ASP A 7 -23.91 -29.55 5.30
C ASP A 7 -23.83 -30.37 6.59
N ILE A 8 -24.22 -29.75 7.70
CA ILE A 8 -24.23 -30.45 8.98
C ILE A 8 -25.25 -31.58 8.97
N ALA A 9 -26.48 -31.30 8.54
CA ALA A 9 -27.57 -32.28 8.59
C ALA A 9 -27.53 -33.37 7.50
N GLY A 10 -26.91 -33.04 6.38
CA GLY A 10 -26.81 -33.94 5.22
C GLY A 10 -26.63 -35.42 5.51
N PRO A 11 -25.62 -35.77 6.33
CA PRO A 11 -25.36 -37.19 6.60
C PRO A 11 -26.46 -37.91 7.40
N THR A 12 -27.39 -37.20 8.00
CA THR A 12 -28.52 -37.88 8.62
C THR A 12 -29.64 -38.10 7.61
N ALA A 13 -29.43 -37.69 6.36
CA ALA A 13 -30.47 -37.77 5.32
C ALA A 13 -30.79 -39.19 4.87
N ARG A 14 -32.06 -39.44 4.63
CA ARG A 14 -32.50 -40.72 4.07
C ARG A 14 -33.01 -40.50 2.64
N PRO A 15 -32.40 -41.18 1.67
CA PRO A 15 -32.88 -41.02 0.30
C PRO A 15 -34.21 -41.73 0.13
N VAL A 16 -35.16 -41.08 -0.55
CA VAL A 16 -36.53 -41.55 -0.66
C VAL A 16 -37.00 -41.36 -2.10
N ARG A 17 -37.57 -42.41 -2.68
CA ARG A 17 -38.07 -42.35 -4.05
C ARG A 17 -39.44 -41.70 -4.10
N LEU A 18 -39.68 -40.89 -5.14
CA LEU A 18 -40.96 -40.19 -5.26
C LEU A 18 -42.19 -41.10 -5.20
N GLU A 19 -42.09 -42.30 -5.75
CA GLU A 19 -43.25 -43.22 -5.79
C GLU A 19 -43.72 -43.64 -4.42
N SER A 20 -42.87 -43.48 -3.42
CA SER A 20 -43.24 -43.83 -2.06
CA SER A 20 -43.23 -43.81 -2.06
C SER A 20 -44.13 -42.75 -1.44
N LEU A 21 -44.37 -41.66 -2.17
CA LEU A 21 -45.09 -40.53 -1.60
C LEU A 21 -46.53 -40.43 -2.06
N GLU A 22 -46.96 -41.41 -2.83
CA GLU A 22 -48.31 -41.40 -3.38
C GLU A 22 -49.33 -41.17 -2.27
N ASP A 23 -50.27 -40.27 -2.53
CA ASP A 23 -51.37 -39.96 -1.61
C ASP A 23 -51.03 -39.20 -0.35
N LYS A 24 -49.75 -38.95 -0.10
CA LYS A 24 -49.34 -38.14 1.04
C LYS A 24 -49.75 -36.66 0.89
N ARG A 25 -50.24 -36.10 1.98
CA ARG A 25 -50.52 -34.66 2.06
C ARG A 25 -49.21 -33.95 2.40
N MET A 26 -48.80 -33.02 1.54
CA MET A 26 -47.50 -32.40 1.70
C MET A 26 -47.64 -30.89 1.70
N ALA A 27 -47.22 -30.24 2.79
CA ALA A 27 -47.15 -28.79 2.77
C ALA A 27 -46.02 -28.39 1.83
N VAL A 28 -46.30 -27.45 0.92
CA VAL A 28 -45.28 -26.95 0.01
C VAL A 28 -44.89 -25.51 0.31
N ASP A 29 -43.67 -25.31 0.79
CA ASP A 29 -43.12 -23.99 1.03
C ASP A 29 -42.73 -23.38 -0.31
N ALA A 30 -43.59 -22.50 -0.81
CA ALA A 30 -43.45 -21.91 -2.13
C ALA A 30 -43.00 -20.45 -2.03
N SER A 31 -42.60 -20.04 -0.83
CA SER A 31 -42.30 -18.64 -0.50
C SER A 31 -41.28 -17.93 -1.40
N ILE A 32 -40.28 -18.64 -1.92
CA ILE A 32 -39.34 -17.99 -2.84
C ILE A 32 -39.37 -18.49 -4.28
N TRP A 33 -40.35 -19.31 -4.65
CA TRP A 33 -40.43 -19.81 -6.03
C TRP A 33 -40.38 -18.74 -7.12
N ILE A 34 -41.26 -17.76 -7.02
CA ILE A 34 -41.42 -16.76 -8.07
C ILE A 34 -40.12 -16.01 -8.24
N TYR A 35 -39.56 -15.55 -7.13
CA TYR A 35 -38.27 -14.92 -7.16
C TYR A 35 -37.15 -15.80 -7.76
N GLN A 36 -37.07 -17.08 -7.38
CA GLN A 36 -36.07 -17.95 -7.95
C GLN A 36 -36.24 -18.10 -9.45
N PHE A 37 -37.48 -18.24 -9.91
CA PHE A 37 -37.74 -18.38 -11.33
C PHE A 37 -37.30 -17.13 -12.09
N LEU A 38 -37.63 -15.98 -11.52
CA LEU A 38 -37.20 -14.68 -12.02
C LEU A 38 -35.68 -14.60 -12.19
N LYS A 39 -34.95 -15.18 -11.25
CA LYS A 39 -33.48 -15.11 -11.27
C LYS A 39 -32.79 -16.25 -12.04
N ALA A 40 -33.45 -17.40 -12.11
CA ALA A 40 -32.80 -18.59 -12.65
C ALA A 40 -33.17 -18.87 -14.10
N VAL A 41 -34.17 -18.18 -14.61
CA VAL A 41 -34.65 -18.42 -15.96
C VAL A 41 -34.48 -17.15 -16.79
N ARG A 42 -33.43 -17.11 -17.60
CA ARG A 42 -32.99 -15.84 -18.17
C ARG A 42 -32.97 -15.77 -19.71
N ASP A 43 -32.98 -14.53 -20.22
CA ASP A 43 -32.83 -14.24 -21.65
C ASP A 43 -31.46 -14.62 -22.17
N GLN A 44 -31.34 -14.81 -23.48
CA GLN A 44 -30.04 -14.89 -24.12
C GLN A 44 -29.34 -13.55 -23.93
N GLU A 45 -30.15 -12.49 -23.81
CA GLU A 45 -29.67 -11.14 -23.54
C GLU A 45 -29.16 -11.01 -22.11
N GLY A 46 -29.96 -11.48 -21.16
CA GLY A 46 -29.63 -11.37 -19.75
C GLY A 46 -30.83 -10.98 -18.92
N ASN A 47 -31.95 -10.73 -19.61
CA ASN A 47 -33.20 -10.39 -18.93
C ASN A 47 -33.95 -11.64 -18.42
N ALA A 48 -34.90 -11.41 -17.53
CA ALA A 48 -35.79 -12.48 -17.10
C ALA A 48 -36.80 -12.73 -18.20
N VAL A 49 -36.90 -13.98 -18.65
CA VAL A 49 -37.96 -14.35 -19.59
C VAL A 49 -39.32 -14.14 -18.93
N LYS A 50 -40.27 -13.62 -19.71
CA LYS A 50 -41.58 -13.25 -19.20
C LYS A 50 -42.37 -14.48 -18.74
N ASN A 51 -43.13 -14.30 -17.66
CA ASN A 51 -44.02 -15.34 -17.15
C ASN A 51 -43.33 -16.65 -16.74
N SER A 52 -42.08 -16.59 -16.29
CA SER A 52 -41.40 -17.81 -15.84
C SER A 52 -42.06 -18.40 -14.59
N HIS A 53 -42.69 -17.53 -13.79
CA HIS A 53 -43.43 -17.98 -12.64
C HIS A 53 -44.56 -18.94 -13.03
N ILE A 54 -45.24 -18.65 -14.13
CA ILE A 54 -46.30 -19.55 -14.60
C ILE A 54 -45.73 -20.86 -15.12
N THR A 55 -44.72 -20.76 -15.96
CA THR A 55 -43.99 -21.92 -16.45
C THR A 55 -43.39 -22.76 -15.30
N GLY A 56 -42.81 -22.08 -14.33
CA GLY A 56 -42.18 -22.75 -13.20
C GLY A 56 -43.18 -23.45 -12.29
N PHE A 57 -44.17 -22.71 -11.82
CA PHE A 57 -45.23 -23.32 -11.04
C PHE A 57 -45.89 -24.48 -11.77
N PHE A 58 -46.11 -24.32 -13.07
CA PHE A 58 -46.74 -25.36 -13.87
C PHE A 58 -45.97 -26.69 -13.85
N ARG A 59 -44.69 -26.64 -14.22
CA ARG A 59 -43.88 -27.85 -14.25
C ARG A 59 -43.79 -28.54 -12.88
N ARG A 60 -43.62 -27.77 -11.82
CA ARG A 60 -43.54 -28.36 -10.48
C ARG A 60 -44.89 -28.94 -10.02
N ILE A 61 -45.99 -28.25 -10.35
CA ILE A 61 -47.29 -28.84 -10.05
C ILE A 61 -47.41 -30.21 -10.71
N CYS A 62 -46.95 -30.31 -11.95
CA CYS A 62 -47.03 -31.56 -12.69
C CYS A 62 -46.22 -32.69 -12.07
N LYS A 63 -45.04 -32.36 -11.53
CA LYS A 63 -44.25 -33.35 -10.85
C LYS A 63 -44.98 -33.84 -9.59
N LEU A 64 -45.53 -32.93 -8.80
CA LEU A 64 -46.30 -33.34 -7.62
C LEU A 64 -47.47 -34.28 -7.97
N LEU A 65 -48.28 -33.87 -8.94
CA LEU A 65 -49.45 -34.65 -9.34
C LEU A 65 -49.04 -35.95 -9.97
N TYR A 66 -47.97 -35.91 -10.76
CA TYR A 66 -47.44 -37.13 -11.35
C TYR A 66 -47.22 -38.22 -10.30
N PHE A 67 -46.63 -37.88 -9.17
CA PHE A 67 -46.45 -38.89 -8.11
C PHE A 67 -47.62 -38.96 -7.12
N GLY A 68 -48.73 -38.32 -7.46
CA GLY A 68 -49.95 -38.46 -6.70
C GLY A 68 -49.88 -37.84 -5.32
N ILE A 69 -49.02 -36.83 -5.19
CA ILE A 69 -48.94 -36.07 -3.96
C ILE A 69 -50.11 -35.10 -3.87
N ARG A 70 -50.64 -34.93 -2.67
CA ARG A 70 -51.70 -33.96 -2.44
C ARG A 70 -51.14 -32.73 -1.75
N PRO A 71 -50.77 -31.73 -2.53
CA PRO A 71 -50.00 -30.66 -1.92
C PRO A 71 -50.91 -29.53 -1.45
N VAL A 72 -50.44 -28.82 -0.44
CA VAL A 72 -51.07 -27.55 -0.08
C VAL A 72 -49.95 -26.52 -0.05
N PHE A 73 -50.13 -25.47 -0.83
CA PHE A 73 -49.09 -24.48 -1.05
C PHE A 73 -49.14 -23.43 0.04
N VAL A 74 -47.96 -23.03 0.53
CA VAL A 74 -47.88 -22.05 1.60
C VAL A 74 -47.01 -20.88 1.14
N PHE A 75 -47.57 -19.67 1.24
CA PHE A 75 -46.91 -18.45 0.81
C PHE A 75 -46.60 -17.62 2.04
N ASP A 76 -45.55 -16.81 1.95
CA ASP A 76 -45.19 -15.87 3.02
C ASP A 76 -46.26 -14.80 3.12
N GLY A 77 -46.59 -14.41 4.35
CA GLY A 77 -47.31 -13.18 4.58
C GLY A 77 -46.27 -12.09 4.77
N GLY A 78 -46.22 -11.51 5.96
CA GLY A 78 -45.26 -10.46 6.25
C GLY A 78 -43.80 -10.91 6.33
N VAL A 79 -42.90 -9.94 6.35
CA VAL A 79 -41.49 -10.21 6.59
C VAL A 79 -41.12 -9.65 7.95
N PRO A 80 -40.72 -10.53 8.88
CA PRO A 80 -40.43 -10.09 10.25
C PRO A 80 -39.30 -9.07 10.24
N VAL A 81 -39.32 -8.12 11.16
CA VAL A 81 -38.38 -7.01 11.13
C VAL A 81 -36.93 -7.50 11.16
N LEU A 82 -36.67 -8.44 12.07
CA LEU A 82 -35.35 -9.04 12.24
C LEU A 82 -34.86 -9.60 10.91
N LYS A 83 -35.74 -10.30 10.19
CA LYS A 83 -35.38 -10.79 8.87
C LYS A 83 -35.13 -9.66 7.87
N ARG A 84 -35.94 -8.60 7.96
CA ARG A 84 -35.86 -7.48 7.03
C ARG A 84 -34.52 -6.76 7.08
N GLU A 85 -34.08 -6.45 8.31
CA GLU A 85 -32.85 -5.71 8.55
C GLU A 85 -31.59 -6.48 8.11
N THR A 86 -31.53 -7.75 8.46
CA THR A 86 -30.36 -8.55 8.13
C THR A 86 -30.21 -8.68 6.62
N ILE A 87 -31.33 -8.91 5.93
CA ILE A 87 -31.31 -9.03 4.47
C ILE A 87 -30.77 -7.78 3.76
N ARG A 88 -31.11 -6.60 4.25
CA ARG A 88 -30.58 -5.38 3.62
C ARG A 88 -29.08 -5.21 3.87
N GLN A 89 -28.61 -5.69 5.02
CA GLN A 89 -27.19 -5.66 5.35
C GLN A 89 -26.39 -6.57 4.42
N ARG A 90 -26.91 -7.78 4.19
CA ARG A 90 -26.27 -8.72 3.28
C ARG A 90 -26.24 -8.18 1.85
N LYS A 91 -27.34 -7.54 1.45
CA LYS A 91 -27.44 -6.92 0.11
C LYS A 91 -26.36 -5.83 -0.05
N GLU A 92 -26.30 -4.89 0.88
CA GLU A 92 -25.29 -3.83 0.85
C GLU A 92 -23.84 -4.34 0.98
N ARG A 93 -23.61 -5.32 1.85
CA ARG A 93 -22.30 -5.91 2.04
C ARG A 93 -21.72 -6.47 0.73
N ARG A 94 -22.55 -7.17 -0.04
CA ARG A 94 -22.10 -7.81 -1.26
C ARG A 94 -22.14 -6.88 -2.48
N GLN A 95 -22.72 -5.69 -2.31
CA GLN A 95 -22.65 -4.64 -3.31
C GLN A 95 -21.31 -3.93 -3.18
N GLY A 96 -20.64 -4.16 -2.05
CA GLY A 96 -19.28 -3.71 -1.86
C GLY A 96 -19.09 -2.81 -0.64
N LYS A 97 -20.19 -2.50 0.03
CA LYS A 97 -20.18 -1.57 1.17
C LYS A 97 -19.13 -1.93 2.20
N ARG A 98 -18.21 -0.98 2.42
CA ARG A 98 -17.17 -1.12 3.40
C ARG A 98 -17.81 -1.12 4.79
N GLU A 99 -17.49 -2.14 5.60
CA GLU A 99 -18.15 -2.34 6.89
C GLU A 99 -17.27 -2.02 8.09
N SER A 100 -15.98 -1.82 7.85
CA SER A 100 -15.05 -1.41 8.90
C SER A 100 -13.98 -0.47 8.36
N ALA A 101 -13.03 -0.09 9.21
CA ALA A 101 -11.94 0.79 8.79
C ALA A 101 -11.03 0.10 7.77
N LYS A 102 -10.22 0.90 7.06
CA LYS A 102 -9.25 0.39 6.09
C LYS A 102 -8.19 -0.52 6.76
N SER A 103 -7.43 -1.25 5.93
CA SER A 103 -6.41 -2.24 6.34
C SER A 103 -7.06 -3.52 6.83
N ASP A 144 -35.81 -6.75 -11.20
CA ASP A 144 -36.50 -8.01 -10.95
C ASP A 144 -37.13 -8.08 -9.56
N GLU A 145 -38.43 -7.82 -9.48
CA GLU A 145 -39.15 -7.95 -8.22
C GLU A 145 -40.44 -8.75 -8.38
N VAL A 146 -40.93 -9.28 -7.27
CA VAL A 146 -42.15 -10.07 -7.25
C VAL A 146 -43.32 -9.12 -7.05
N THR A 147 -44.25 -9.15 -7.99
CA THR A 147 -45.40 -8.24 -7.93
C THR A 147 -46.61 -9.00 -7.43
N MET A 148 -47.62 -8.28 -6.97
CA MET A 148 -48.85 -8.91 -6.49
C MET A 148 -49.54 -9.66 -7.61
N ASP A 149 -49.38 -9.17 -8.82
CA ASP A 149 -49.94 -9.81 -9.99
C ASP A 149 -49.36 -11.21 -10.22
N MET A 150 -48.05 -11.34 -10.07
CA MET A 150 -47.41 -12.65 -10.19
C MET A 150 -47.97 -13.63 -9.15
N ILE A 151 -48.12 -13.17 -7.93
CA ILE A 151 -48.69 -13.98 -6.87
C ILE A 151 -50.11 -14.44 -7.23
N LYS A 152 -50.96 -13.48 -7.63
CA LYS A 152 -52.36 -13.75 -8.01
C LYS A 152 -52.46 -14.74 -9.14
N GLU A 153 -51.53 -14.64 -10.07
CA GLU A 153 -51.51 -15.53 -11.19
C GLU A 153 -51.18 -16.96 -10.78
N VAL A 154 -50.17 -17.16 -9.94
CA VAL A 154 -49.82 -18.53 -9.62
C VAL A 154 -50.86 -19.14 -8.70
N GLN A 155 -51.51 -18.30 -7.91
CA GLN A 155 -52.63 -18.74 -7.10
C GLN A 155 -53.87 -19.13 -7.94
N GLU A 156 -54.14 -18.40 -9.02
CA GLU A 156 -55.25 -18.77 -9.89
C GLU A 156 -54.91 -20.10 -10.55
N LEU A 157 -53.63 -20.30 -10.82
CA LEU A 157 -53.17 -21.52 -11.46
C LEU A 157 -53.37 -22.72 -10.55
N LEU A 158 -53.04 -22.55 -9.27
CA LEU A 158 -53.23 -23.62 -8.27
C LEU A 158 -54.72 -23.98 -8.15
N SER A 159 -55.56 -22.96 -7.99
CA SER A 159 -57.01 -23.15 -7.93
C SER A 159 -57.55 -23.93 -9.13
N ARG A 160 -57.03 -23.66 -10.32
CA ARG A 160 -57.56 -24.34 -11.51
C ARG A 160 -57.08 -25.79 -11.58
N PHE A 161 -56.00 -26.07 -10.85
CA PHE A 161 -55.48 -27.42 -10.67
C PHE A 161 -56.22 -28.13 -9.53
N GLY A 162 -57.05 -27.42 -8.79
CA GLY A 162 -57.76 -28.03 -7.67
C GLY A 162 -56.91 -28.11 -6.41
N ILE A 163 -55.82 -27.35 -6.39
CA ILE A 163 -54.85 -27.41 -5.31
C ILE A 163 -55.02 -26.27 -4.33
N PRO A 164 -55.29 -26.60 -3.06
CA PRO A 164 -55.49 -25.59 -2.02
C PRO A 164 -54.21 -24.83 -1.68
N TYR A 165 -54.36 -23.61 -1.18
CA TYR A 165 -53.21 -22.84 -0.71
C TYR A 165 -53.60 -21.94 0.45
N ILE A 166 -52.61 -21.49 1.19
CA ILE A 166 -52.82 -20.52 2.25
C ILE A 166 -51.72 -19.49 2.17
N THR A 167 -51.95 -18.36 2.82
CA THR A 167 -50.90 -17.38 3.01
C THR A 167 -50.61 -17.38 4.49
N ALA A 168 -49.36 -17.67 4.84
CA ALA A 168 -48.96 -17.71 6.26
C ALA A 168 -49.07 -16.29 6.80
N PRO A 169 -49.30 -16.14 8.11
CA PRO A 169 -49.15 -14.83 8.73
C PRO A 169 -47.76 -14.25 8.47
N MET A 170 -46.71 -15.01 8.77
CA MET A 170 -45.37 -14.51 8.52
C MET A 170 -44.56 -15.50 7.67
N GLU A 171 -43.60 -16.20 8.27
CA GLU A 171 -42.79 -17.14 7.53
C GLU A 171 -43.59 -18.37 7.13
N ALA A 172 -43.44 -18.75 5.87
CA ALA A 172 -44.11 -19.92 5.33
C ALA A 172 -43.60 -21.22 5.97
N GLU A 173 -42.29 -21.28 6.26
CA GLU A 173 -41.70 -22.46 6.86
CA GLU A 173 -41.68 -22.45 6.89
C GLU A 173 -42.32 -22.72 8.24
N ALA A 174 -42.55 -21.64 8.97
CA ALA A 174 -43.10 -21.81 10.31
C ALA A 174 -44.53 -22.34 10.23
N GLN A 175 -45.31 -21.80 9.29
CA GLN A 175 -46.68 -22.24 9.08
C GLN A 175 -46.68 -23.71 8.63
N CYS A 176 -45.72 -24.06 7.74
CA CYS A 176 -45.57 -25.47 7.33
C CYS A 176 -45.36 -26.39 8.51
N ALA A 177 -44.53 -25.99 9.47
CA ALA A 177 -44.30 -26.80 10.66
C ALA A 177 -45.58 -26.95 11.47
N GLU A 178 -46.38 -25.90 11.50
CA GLU A 178 -47.59 -25.92 12.29
C GLU A 178 -48.64 -26.83 11.65
N LEU A 179 -48.74 -26.76 10.31
CA LEU A 179 -49.63 -27.67 9.57
C LEU A 179 -49.31 -29.13 9.88
N LEU A 180 -48.02 -29.49 9.90
CA LEU A 180 -47.65 -30.86 10.18
C LEU A 180 -48.04 -31.23 11.59
N GLN A 181 -47.74 -30.32 12.52
CA GLN A 181 -48.00 -30.53 13.92
C GLN A 181 -49.50 -30.78 14.11
N LEU A 182 -50.32 -30.09 13.33
CA LEU A 182 -51.77 -30.23 13.44
C LEU A 182 -52.32 -31.40 12.63
N ASN A 183 -51.43 -32.17 12.01
CA ASN A 183 -51.84 -33.32 11.20
C ASN A 183 -52.73 -32.92 10.02
N LEU A 184 -52.55 -31.70 9.53
CA LEU A 184 -53.22 -31.25 8.33
C LEU A 184 -52.44 -31.71 7.09
N VAL A 185 -51.18 -32.12 7.29
CA VAL A 185 -50.37 -32.71 6.24
C VAL A 185 -49.48 -33.79 6.88
N ASP A 186 -48.85 -34.61 6.04
CA ASP A 186 -48.06 -35.76 6.50
C ASP A 186 -46.57 -35.49 6.43
N GLY A 187 -46.22 -34.45 5.69
CA GLY A 187 -44.83 -34.11 5.45
C GLY A 187 -44.69 -32.68 4.97
N ILE A 188 -43.47 -32.18 4.99
CA ILE A 188 -43.21 -30.82 4.57
C ILE A 188 -42.20 -30.82 3.41
N ILE A 189 -42.58 -30.19 2.31
CA ILE A 189 -41.67 -29.93 1.20
C ILE A 189 -41.10 -28.49 1.25
N THR A 190 -39.80 -28.41 1.52
CA THR A 190 -39.06 -27.17 1.61
C THR A 190 -37.57 -27.45 1.51
N ASP A 191 -36.84 -26.43 1.09
CA ASP A 191 -35.38 -26.48 1.06
C ASP A 191 -34.78 -25.54 2.11
N ASP A 192 -35.64 -24.89 2.90
CA ASP A 192 -35.15 -23.94 3.89
C ASP A 192 -34.93 -24.53 5.30
N SER A 193 -33.68 -24.55 5.73
CA SER A 193 -33.32 -25.15 7.01
C SER A 193 -33.96 -24.49 8.23
N ASP A 194 -34.40 -23.24 8.10
CA ASP A 194 -35.17 -22.59 9.18
C ASP A 194 -36.33 -23.44 9.69
N VAL A 195 -36.93 -24.23 8.79
CA VAL A 195 -38.07 -25.09 9.16
C VAL A 195 -37.83 -25.91 10.44
N PHE A 196 -36.60 -26.38 10.64
CA PHE A 196 -36.30 -27.17 11.83
C PHE A 196 -36.35 -26.29 13.05
N LEU A 197 -35.90 -25.05 12.90
CA LEU A 197 -35.81 -24.12 14.02
C LEU A 197 -37.19 -23.68 14.44
N PHE A 198 -38.13 -23.74 13.50
CA PHE A 198 -39.53 -23.38 13.78
C PHE A 198 -40.27 -24.62 14.23
N GLY A 199 -39.54 -25.67 14.60
CA GLY A 199 -40.19 -26.88 15.10
C GLY A 199 -40.69 -27.86 14.05
N GLY A 200 -40.19 -27.76 12.83
CA GLY A 200 -40.59 -28.70 11.80
C GLY A 200 -39.88 -30.04 11.88
N THR A 201 -40.43 -31.00 11.16
CA THR A 201 -39.79 -32.29 11.00
C THR A 201 -40.38 -32.92 9.75
N LYS A 202 -39.92 -34.12 9.38
CA LYS A 202 -40.41 -34.83 8.19
C LYS A 202 -40.31 -33.93 6.98
N ILE A 203 -39.09 -33.55 6.68
CA ILE A 203 -38.77 -32.57 5.69
C ILE A 203 -38.33 -33.31 4.46
N TYR A 204 -38.89 -32.93 3.33
CA TYR A 204 -38.51 -33.50 2.05
C TYR A 204 -37.78 -32.44 1.24
N LYS A 205 -36.48 -32.64 1.08
CA LYS A 205 -35.56 -31.65 0.54
C LYS A 205 -35.17 -31.99 -0.89
N ASN A 206 -34.96 -30.96 -1.71
CA ASN A 206 -34.66 -31.11 -3.14
C ASN A 206 -35.76 -31.79 -3.96
N MET A 207 -37.02 -31.56 -3.59
CA MET A 207 -38.14 -32.11 -4.33
C MET A 207 -38.07 -31.70 -5.80
N PHE A 208 -37.63 -30.47 -6.05
CA PHE A 208 -37.63 -29.96 -7.41
C PHE A 208 -36.27 -29.83 -8.10
N HIS A 209 -35.25 -30.50 -7.57
CA HIS A 209 -34.08 -30.75 -8.40
C HIS A 209 -34.55 -31.75 -9.46
N GLU A 210 -33.89 -31.74 -10.61
CA GLU A 210 -34.28 -32.65 -11.69
C GLU A 210 -33.70 -34.05 -11.48
N LYS A 211 -34.23 -34.75 -10.48
CA LYS A 211 -33.68 -36.03 -10.02
C LYS A 211 -34.72 -37.13 -9.86
N ASN A 212 -34.25 -38.34 -9.55
CA ASN A 212 -35.12 -39.52 -9.40
C ASN A 212 -35.60 -39.77 -7.95
N TYR A 213 -35.02 -39.04 -7.01
CA TYR A 213 -35.32 -39.21 -5.59
C TYR A 213 -35.41 -37.87 -4.86
N VAL A 214 -35.65 -37.94 -3.56
CA VAL A 214 -35.74 -36.77 -2.70
C VAL A 214 -35.04 -37.09 -1.36
N GLU A 215 -34.57 -36.09 -0.62
CA GLU A 215 -33.92 -36.34 0.66
C GLU A 215 -34.83 -36.08 1.88
N PHE A 216 -34.93 -37.08 2.75
CA PHE A 216 -35.81 -37.00 3.93
C PHE A 216 -35.05 -36.73 5.24
N TYR A 217 -35.54 -35.75 6.01
CA TYR A 217 -34.91 -35.39 7.27
C TYR A 217 -35.99 -35.38 8.33
N ASP A 218 -35.64 -35.72 9.57
CA ASP A 218 -36.58 -35.60 10.67
C ASP A 218 -35.85 -35.24 11.98
N ALA A 219 -36.60 -34.68 12.94
CA ALA A 219 -36.01 -34.13 14.15
C ALA A 219 -35.35 -35.18 15.01
N GLU A 220 -35.95 -36.36 15.08
CA GLU A 220 -35.43 -37.42 15.94
C GLU A 220 -34.10 -38.00 15.42
N SER A 221 -33.97 -38.20 14.11
CA SER A 221 -32.71 -38.68 13.54
C SER A 221 -31.58 -37.68 13.77
N ILE A 222 -31.93 -36.40 13.65
CA ILE A 222 -30.99 -35.34 13.96
C ILE A 222 -30.61 -35.33 15.44
N LEU A 223 -31.60 -35.45 16.34
CA LEU A 223 -31.27 -35.51 17.77
C LEU A 223 -30.39 -36.72 18.10
N LYS A 224 -30.80 -37.90 17.64
CA LYS A 224 -30.03 -39.10 17.89
C LYS A 224 -28.61 -39.03 17.33
N LEU A 225 -28.45 -38.65 16.06
CA LEU A 225 -27.16 -38.75 15.36
C LEU A 225 -26.21 -37.55 15.54
N LEU A 226 -26.76 -36.41 15.92
CA LEU A 226 -25.98 -35.19 16.01
C LEU A 226 -26.10 -34.53 17.39
N GLY A 227 -27.06 -34.98 18.18
CA GLY A 227 -27.28 -34.38 19.49
C GLY A 227 -27.90 -32.99 19.42
N LEU A 228 -28.56 -32.68 18.32
CA LEU A 228 -29.11 -31.35 18.15
C LEU A 228 -30.64 -31.36 18.26
N ASP A 229 -31.16 -30.55 19.17
CA ASP A 229 -32.61 -30.37 19.26
C ASP A 229 -32.95 -28.97 18.79
N ARG A 230 -34.21 -28.59 18.96
CA ARG A 230 -34.70 -27.32 18.44
C ARG A 230 -33.93 -26.13 19.03
N LYS A 231 -33.74 -26.14 20.34
CA LYS A 231 -33.04 -25.07 21.02
CA LYS A 231 -33.04 -25.07 21.02
C LYS A 231 -31.54 -25.03 20.64
N ASN A 232 -30.91 -26.19 20.56
CA ASN A 232 -29.54 -26.31 20.05
C ASN A 232 -29.42 -25.63 18.69
N MET A 233 -30.38 -25.91 17.82
CA MET A 233 -30.31 -25.41 16.45
C MET A 233 -30.49 -23.89 16.43
N ILE A 234 -31.37 -23.41 17.29
CA ILE A 234 -31.62 -21.98 17.37
C ILE A 234 -30.35 -21.29 17.87
N GLU A 235 -29.59 -21.96 18.72
CA GLU A 235 -28.30 -21.39 19.14
C GLU A 235 -27.20 -21.53 18.07
N LEU A 236 -27.25 -22.61 17.28
CA LEU A 236 -26.27 -22.80 16.21
C LEU A 236 -26.37 -21.65 15.24
N ALA A 237 -27.58 -21.14 15.06
CA ALA A 237 -27.82 -20.10 14.07
C ALA A 237 -27.09 -18.83 14.46
N GLN A 238 -26.90 -18.64 15.75
CA GLN A 238 -26.22 -17.47 16.25
C GLN A 238 -24.70 -17.57 16.11
N LEU A 239 -24.20 -18.78 15.86
CA LEU A 239 -22.80 -18.97 15.49
C LEU A 239 -22.63 -18.88 13.98
N LEU A 240 -23.49 -19.57 13.25
CA LEU A 240 -23.38 -19.76 11.80
C LEU A 240 -23.99 -18.65 10.97
N GLY A 241 -25.02 -18.01 11.48
CA GLY A 241 -25.77 -17.02 10.72
C GLY A 241 -27.06 -17.55 10.13
N SER A 242 -28.04 -16.66 10.01
CA SER A 242 -29.29 -16.93 9.31
C SER A 242 -29.94 -15.61 8.92
N ASP A 243 -31.18 -15.66 8.46
CA ASP A 243 -31.92 -14.43 8.17
C ASP A 243 -32.23 -13.61 9.43
N TYR A 244 -31.96 -14.17 10.60
CA TYR A 244 -32.32 -13.53 11.85
C TYR A 244 -31.10 -13.06 12.67
N THR A 245 -29.90 -13.41 12.22
CA THR A 245 -28.68 -13.06 12.95
C THR A 245 -27.44 -13.19 12.06
N ASN A 246 -26.41 -12.40 12.37
CA ASN A 246 -25.19 -12.38 11.56
C ASN A 246 -24.21 -13.50 11.86
N GLY A 247 -24.36 -14.14 13.02
CA GLY A 247 -23.42 -15.17 13.41
C GLY A 247 -22.08 -14.55 13.79
N LEU A 248 -21.07 -15.40 13.95
CA LEU A 248 -19.75 -14.97 14.36
C LEU A 248 -18.73 -15.26 13.28
N LYS A 249 -17.94 -14.25 12.92
CA LYS A 249 -16.84 -14.42 11.96
C LYS A 249 -15.88 -15.50 12.45
N GLY A 250 -15.47 -16.39 11.55
CA GLY A 250 -14.56 -17.48 11.88
C GLY A 250 -15.24 -18.76 12.33
N MET A 251 -16.54 -18.68 12.66
CA MET A 251 -17.30 -19.86 13.06
C MET A 251 -17.99 -20.52 11.87
N GLY A 252 -17.46 -21.65 11.43
CA GLY A 252 -18.08 -22.41 10.35
C GLY A 252 -18.77 -23.63 10.91
N PRO A 253 -19.19 -24.56 10.03
CA PRO A 253 -19.88 -25.77 10.51
C PRO A 253 -19.06 -26.57 11.53
N VAL A 254 -17.76 -26.76 11.30
CA VAL A 254 -16.99 -27.57 12.24
C VAL A 254 -16.92 -26.94 13.65
N SER A 255 -16.46 -25.69 13.73
CA SER A 255 -16.31 -25.02 15.01
C SER A 255 -17.63 -24.77 15.70
N SER A 256 -18.67 -24.48 14.95
CA SER A 256 -19.97 -24.20 15.56
C SER A 256 -20.55 -25.43 16.25
N ILE A 257 -20.46 -26.58 15.58
CA ILE A 257 -20.94 -27.82 16.13
C ILE A 257 -20.14 -28.19 17.39
N GLU A 258 -18.82 -27.98 17.35
CA GLU A 258 -17.98 -28.28 18.49
C GLU A 258 -18.30 -27.41 19.71
N VAL A 259 -18.58 -26.12 19.48
CA VAL A 259 -18.95 -25.23 20.57
C VAL A 259 -20.23 -25.68 21.26
N ILE A 260 -21.25 -26.01 20.47
CA ILE A 260 -22.50 -26.53 21.03
C ILE A 260 -22.25 -27.83 21.79
N ALA A 261 -21.42 -28.70 21.23
CA ALA A 261 -21.17 -29.98 21.87
C ALA A 261 -20.31 -29.87 23.15
N GLU A 262 -19.30 -29.00 23.12
CA GLU A 262 -18.40 -28.88 24.26
C GLU A 262 -18.96 -28.04 25.40
N PHE A 263 -19.73 -27.01 25.06
CA PHE A 263 -20.22 -26.09 26.09
C PHE A 263 -21.68 -26.29 26.43
N GLY A 264 -22.39 -27.08 25.62
CA GLY A 264 -23.80 -27.30 25.84
C GLY A 264 -24.66 -26.15 25.33
N ASN A 265 -24.35 -24.92 25.74
CA ASN A 265 -25.12 -23.77 25.26
C ASN A 265 -24.30 -22.50 25.17
N LEU A 266 -24.88 -21.48 24.59
CA LEU A 266 -24.15 -20.25 24.31
C LEU A 266 -23.86 -19.43 25.57
N LYS A 267 -24.69 -19.58 26.61
CA LYS A 267 -24.40 -18.95 27.88
C LYS A 267 -23.08 -19.46 28.49
N ASN A 268 -22.92 -20.79 28.52
CA ASN A 268 -21.70 -21.39 29.04
C ASN A 268 -20.49 -21.05 28.19
N PHE A 269 -20.72 -20.88 26.90
CA PHE A 269 -19.68 -20.56 25.95
C PHE A 269 -19.27 -19.13 26.23
N LYS A 270 -20.25 -18.24 26.40
CA LYS A 270 -19.90 -16.86 26.72
C LYS A 270 -19.19 -16.76 28.07
N ASP A 271 -19.70 -17.46 29.08
CA ASP A 271 -19.08 -17.47 30.39
C ASP A 271 -17.63 -17.94 30.33
N TRP A 272 -17.36 -19.03 29.59
CA TRP A 272 -15.99 -19.51 29.46
C TRP A 272 -15.08 -18.48 28.80
N TYR A 273 -15.59 -17.81 27.78
CA TYR A 273 -14.77 -16.83 27.07
C TYR A 273 -14.38 -15.71 28.03
N ASN A 274 -15.35 -15.21 28.78
CA ASN A 274 -15.17 -14.10 29.72
C ASN A 274 -14.31 -14.36 30.97
N ASN A 275 -14.27 -15.61 31.43
CA ASN A 275 -13.61 -15.95 32.70
C ASN A 275 -12.14 -16.31 32.56
N GLY A 276 -11.76 -16.75 31.36
CA GLY A 276 -10.36 -17.04 31.05
C GLY A 276 -9.70 -15.90 30.30
N GLN A 277 -10.41 -14.76 30.23
CA GLN A 277 -9.94 -13.52 29.59
C GLN A 277 -8.49 -13.09 29.93
N PHE A 278 -8.22 -12.88 31.22
CA PHE A 278 -6.91 -12.40 31.68
C PHE A 278 -6.21 -13.30 32.72
N ASP A 279 -6.71 -14.52 32.88
CA ASP A 279 -6.02 -15.52 33.70
C ASP A 279 -5.00 -16.21 32.80
N LYS A 280 -3.75 -15.76 32.84
CA LYS A 280 -2.70 -16.32 31.99
C LYS A 280 -2.31 -17.76 32.41
N ARG A 281 -2.61 -18.14 33.65
CA ARG A 281 -2.33 -19.48 34.15
C ARG A 281 -3.41 -20.50 33.76
N LYS A 282 -4.68 -20.09 33.90
CA LYS A 282 -5.80 -20.90 33.45
C LYS A 282 -5.75 -21.21 31.95
N GLN A 283 -5.27 -20.24 31.16
CA GLN A 283 -5.11 -20.41 29.71
C GLN A 283 -4.05 -21.45 29.35
N GLU A 284 -3.07 -21.64 30.25
CA GLU A 284 -2.09 -22.72 30.09
C GLU A 284 -2.79 -24.05 30.38
N THR A 285 -3.71 -24.04 31.35
CA THR A 285 -4.48 -25.22 31.70
C THR A 285 -5.78 -25.36 30.91
N GLU A 286 -5.83 -24.75 29.72
CA GLU A 286 -6.93 -25.02 28.80
C GLU A 286 -6.46 -26.08 27.80
N ASN A 287 -7.30 -27.07 27.53
CA ASN A 287 -6.97 -28.10 26.56
C ASN A 287 -6.85 -27.51 25.15
N LYS A 288 -6.49 -28.36 24.19
CA LYS A 288 -6.32 -27.92 22.80
C LYS A 288 -7.54 -27.18 22.23
N PHE A 289 -8.72 -27.77 22.39
CA PHE A 289 -9.95 -27.20 21.87
C PHE A 289 -10.17 -25.78 22.39
N GLU A 290 -10.11 -25.62 23.71
CA GLU A 290 -10.32 -24.32 24.31
C GLU A 290 -9.25 -23.32 23.90
N LYS A 291 -7.99 -23.77 23.93
CA LYS A 291 -6.85 -22.94 23.59
C LYS A 291 -6.96 -22.40 22.17
N ASP A 292 -7.23 -23.30 21.21
CA ASP A 292 -7.37 -22.89 19.83
C ASP A 292 -8.61 -22.03 19.61
N LEU A 293 -9.70 -22.34 20.32
CA LEU A 293 -10.94 -21.62 20.14
C LEU A 293 -10.80 -20.18 20.65
N ARG A 294 -10.16 -20.04 21.81
CA ARG A 294 -9.92 -18.73 22.41
C ARG A 294 -9.07 -17.87 21.47
N LYS A 295 -8.05 -18.47 20.90
CA LYS A 295 -7.15 -17.73 20.01
C LYS A 295 -7.88 -17.29 18.74
N LYS A 296 -8.68 -18.19 18.18
CA LYS A 296 -9.48 -17.86 17.01
C LYS A 296 -10.46 -16.71 17.30
N LEU A 297 -11.17 -16.78 18.45
CA LEU A 297 -12.09 -15.72 18.85
C LEU A 297 -11.34 -14.41 18.97
N VAL A 298 -10.16 -14.46 19.60
CA VAL A 298 -9.33 -13.26 19.72
C VAL A 298 -8.85 -12.75 18.37
N ASN A 299 -8.30 -13.64 17.54
CA ASN A 299 -7.88 -13.27 16.18
C ASN A 299 -9.01 -12.64 15.34
N ASN A 300 -10.22 -13.15 15.47
CA ASN A 300 -11.35 -12.60 14.71
C ASN A 300 -11.97 -11.38 15.37
N GLU A 301 -11.30 -10.88 16.41
CA GLU A 301 -11.79 -9.74 17.19
C GLU A 301 -13.25 -9.92 17.65
N ILE A 302 -13.59 -11.12 18.09
CA ILE A 302 -14.96 -11.42 18.47
C ILE A 302 -15.34 -10.78 19.80
N ILE A 303 -16.43 -10.04 19.77
CA ILE A 303 -17.04 -9.57 21.01
C ILE A 303 -18.34 -10.35 21.25
N LEU A 304 -18.47 -10.93 22.45
CA LEU A 304 -19.73 -11.51 22.91
C LEU A 304 -20.36 -10.59 23.96
N ASP A 305 -21.36 -9.81 23.55
CA ASP A 305 -21.96 -8.81 24.45
C ASP A 305 -23.20 -9.30 25.20
N ASP A 306 -23.94 -8.35 25.77
CA ASP A 306 -25.08 -8.68 26.61
C ASP A 306 -26.27 -9.24 25.82
N ASP A 307 -26.24 -9.08 24.50
CA ASP A 307 -27.31 -9.63 23.65
C ASP A 307 -26.91 -10.99 23.08
N PHE A 308 -25.93 -11.63 23.73
CA PHE A 308 -25.48 -12.94 23.28
C PHE A 308 -25.54 -13.93 24.43
N PRO A 309 -26.34 -14.99 24.29
CA PRO A 309 -27.30 -15.28 23.22
C PRO A 309 -28.46 -14.27 23.17
N SER A 310 -29.23 -14.31 22.08
CA SER A 310 -30.25 -13.30 21.81
C SER A 310 -31.65 -13.76 22.20
N VAL A 311 -32.31 -13.01 23.08
CA VAL A 311 -33.68 -13.30 23.48
C VAL A 311 -34.59 -13.12 22.28
N MET A 312 -34.34 -12.06 21.53
CA MET A 312 -35.12 -11.74 20.34
C MET A 312 -35.02 -12.78 19.24
N VAL A 313 -33.85 -13.40 19.10
CA VAL A 313 -33.65 -14.41 18.07
C VAL A 313 -34.38 -15.67 18.52
N TYR A 314 -34.20 -16.01 19.79
CA TYR A 314 -34.90 -17.12 20.41
C TYR A 314 -36.41 -17.02 20.21
N ASP A 315 -36.98 -15.83 20.36
CA ASP A 315 -38.43 -15.65 20.26
C ASP A 315 -38.91 -15.73 18.83
N ALA A 316 -38.11 -15.25 17.89
CA ALA A 316 -38.51 -15.27 16.49
C ALA A 316 -38.65 -16.71 16.04
N TYR A 317 -37.76 -17.59 16.50
CA TYR A 317 -37.83 -19.00 16.11
C TYR A 317 -38.82 -19.85 16.94
N MET A 318 -38.89 -19.59 18.24
CA MET A 318 -39.72 -20.36 19.18
C MET A 318 -41.19 -19.98 19.09
N ARG A 319 -41.46 -18.67 18.99
CA ARG A 319 -42.82 -18.16 18.94
C ARG A 319 -43.09 -17.44 17.63
N PRO A 320 -42.98 -18.14 16.50
CA PRO A 320 -43.29 -17.38 15.28
C PRO A 320 -44.80 -17.19 15.16
N GLU A 321 -45.21 -16.22 14.36
CA GLU A 321 -46.62 -15.99 14.21
C GLU A 321 -47.18 -16.99 13.20
N VAL A 322 -47.99 -17.94 13.68
CA VAL A 322 -48.61 -18.91 12.80
C VAL A 322 -50.11 -19.01 13.02
N ASP A 323 -50.80 -19.52 12.01
CA ASP A 323 -52.23 -19.75 12.06
C ASP A 323 -52.53 -21.15 12.58
N HIS A 324 -53.23 -21.22 13.72
CA HIS A 324 -53.54 -22.50 14.38
C HIS A 324 -54.85 -23.13 13.93
N ASP A 325 -55.41 -22.65 12.83
CA ASP A 325 -56.67 -23.20 12.32
C ASP A 325 -56.57 -24.71 12.07
N THR A 326 -57.56 -25.46 12.54
CA THR A 326 -57.55 -26.93 12.40
C THR A 326 -58.43 -27.49 11.27
N THR A 327 -58.93 -26.64 10.38
CA THR A 327 -59.78 -27.10 9.29
C THR A 327 -58.94 -27.83 8.26
N PRO A 328 -59.35 -29.07 7.90
CA PRO A 328 -58.66 -29.85 6.85
C PRO A 328 -58.74 -29.19 5.50
N PHE A 329 -57.70 -29.39 4.70
CA PHE A 329 -57.68 -28.82 3.35
C PHE A 329 -58.53 -29.67 2.43
N VAL A 330 -58.93 -29.08 1.32
CA VAL A 330 -59.78 -29.77 0.38
C VAL A 330 -59.05 -29.85 -0.93
N TRP A 331 -58.85 -31.05 -1.42
CA TRP A 331 -58.24 -31.21 -2.73
C TRP A 331 -59.31 -31.40 -3.78
N GLY A 332 -59.19 -30.65 -4.86
CA GLY A 332 -60.13 -30.74 -5.96
C GLY A 332 -59.45 -31.44 -7.12
N VAL A 333 -60.16 -31.57 -8.23
CA VAL A 333 -59.55 -32.18 -9.40
C VAL A 333 -59.19 -31.08 -10.38
N PRO A 334 -58.14 -31.31 -11.18
CA PRO A 334 -57.75 -30.26 -12.11
C PRO A 334 -58.86 -29.99 -13.14
N ASP A 335 -59.13 -28.72 -13.42
CA ASP A 335 -60.18 -28.31 -14.36
C ASP A 335 -59.59 -28.11 -15.76
N LEU A 336 -59.75 -29.10 -16.62
CA LEU A 336 -59.14 -29.03 -17.95
C LEU A 336 -59.52 -27.77 -18.74
N ASP A 337 -60.83 -27.49 -18.82
CA ASP A 337 -61.31 -26.35 -19.58
C ASP A 337 -60.69 -25.06 -19.06
N MET A 338 -60.63 -24.89 -17.73
CA MET A 338 -60.06 -23.66 -17.19
C MET A 338 -58.53 -23.59 -17.28
N LEU A 339 -57.87 -24.75 -17.31
CA LEU A 339 -56.41 -24.76 -17.46
C LEU A 339 -56.02 -24.47 -18.89
N ARG A 340 -56.79 -25.02 -19.84
CA ARG A 340 -56.61 -24.73 -21.26
C ARG A 340 -56.59 -23.23 -21.51
N SER A 341 -57.66 -22.54 -21.12
CA SER A 341 -57.74 -21.10 -21.34
C SER A 341 -56.71 -20.30 -20.55
N PHE A 342 -56.40 -20.74 -19.32
CA PHE A 342 -55.41 -20.05 -18.53
C PHE A 342 -54.04 -20.08 -19.21
N MET A 343 -53.64 -21.25 -19.70
CA MET A 343 -52.34 -21.40 -20.34
C MET A 343 -52.34 -20.66 -21.68
N LYS A 344 -53.52 -20.66 -22.32
CA LYS A 344 -53.72 -19.92 -23.57
C LYS A 344 -53.43 -18.46 -23.34
N THR A 345 -54.09 -17.91 -22.34
CA THR A 345 -53.98 -16.50 -22.00
C THR A 345 -52.59 -16.10 -21.53
N GLN A 346 -52.04 -16.80 -20.56
CA GLN A 346 -50.77 -16.41 -19.94
C GLN A 346 -49.55 -16.79 -20.78
N LEU A 347 -49.65 -17.88 -21.53
CA LEU A 347 -48.48 -18.37 -22.27
C LEU A 347 -48.70 -18.61 -23.76
N GLY A 348 -49.92 -18.40 -24.25
CA GLY A 348 -50.16 -18.63 -25.66
C GLY A 348 -50.14 -20.09 -26.06
N TRP A 349 -50.27 -21.00 -25.11
CA TRP A 349 -50.33 -22.40 -25.47
C TRP A 349 -51.67 -22.70 -26.12
N PRO A 350 -51.65 -23.34 -27.29
CA PRO A 350 -52.91 -23.84 -27.84
C PRO A 350 -53.49 -24.89 -26.91
N HIS A 351 -54.79 -25.12 -27.01
CA HIS A 351 -55.43 -26.06 -26.11
C HIS A 351 -54.86 -27.46 -26.17
N GLU A 352 -54.59 -27.93 -27.38
CA GLU A 352 -54.08 -29.28 -27.58
C GLU A 352 -52.70 -29.42 -26.93
N LYS A 353 -51.93 -28.34 -26.92
CA LYS A 353 -50.64 -28.33 -26.24
C LYS A 353 -50.79 -28.56 -24.74
N SER A 354 -51.79 -27.92 -24.13
CA SER A 354 -52.11 -28.15 -22.73
C SER A 354 -52.67 -29.55 -22.52
N ASP A 355 -53.48 -30.02 -23.47
CA ASP A 355 -54.10 -31.34 -23.36
C ASP A 355 -53.06 -32.46 -23.27
N GLU A 356 -52.03 -32.34 -24.10
CA GLU A 356 -50.99 -33.35 -24.25
C GLU A 356 -50.30 -33.66 -22.92
N ILE A 357 -50.16 -32.63 -22.10
CA ILE A 357 -49.61 -32.78 -20.77
C ILE A 357 -50.66 -33.06 -19.71
N LEU A 358 -51.74 -32.29 -19.71
CA LEU A 358 -52.69 -32.35 -18.62
C LEU A 358 -53.56 -33.62 -18.62
N ILE A 359 -53.96 -34.06 -19.81
CA ILE A 359 -54.89 -35.19 -19.91
C ILE A 359 -54.38 -36.47 -19.26
N PRO A 360 -53.13 -36.90 -19.58
CA PRO A 360 -52.62 -38.07 -18.84
C PRO A 360 -52.56 -37.85 -17.32
N LEU A 361 -52.29 -36.64 -16.87
CA LEU A 361 -52.25 -36.35 -15.45
C LEU A 361 -53.63 -36.46 -14.81
N ILE A 362 -54.68 -36.19 -15.58
CA ILE A 362 -56.05 -36.20 -15.05
C ILE A 362 -56.68 -37.59 -15.09
N GLY B 1 11.58 -17.59 0.01
CA GLY B 1 11.05 -17.90 -1.30
C GLY B 1 9.86 -17.03 -1.68
N VAL B 2 9.37 -17.21 -2.91
CA VAL B 2 8.13 -16.60 -3.36
C VAL B 2 6.94 -17.51 -3.02
N HIS B 3 5.96 -16.98 -2.30
CA HIS B 3 4.81 -17.77 -1.87
CA HIS B 3 4.82 -17.77 -1.87
C HIS B 3 4.10 -18.42 -3.05
N SER B 4 3.87 -19.72 -2.95
CA SER B 4 3.20 -20.53 -3.99
C SER B 4 4.07 -20.83 -5.21
N PHE B 5 5.25 -20.24 -5.27
CA PHE B 5 6.08 -20.43 -6.47
C PHE B 5 6.45 -21.89 -6.78
N TRP B 6 6.81 -22.65 -5.76
CA TRP B 6 7.07 -24.07 -6.00
C TRP B 6 5.88 -24.83 -6.63
N ASP B 7 4.65 -24.50 -6.22
CA ASP B 7 3.45 -25.13 -6.81
C ASP B 7 3.34 -24.78 -8.28
N ILE B 8 3.61 -23.52 -8.59
CA ILE B 8 3.60 -23.07 -9.96
C ILE B 8 4.69 -23.77 -10.77
N ALA B 9 5.88 -23.92 -10.19
CA ALA B 9 7.02 -24.42 -10.94
C ALA B 9 7.08 -25.94 -10.98
N GLY B 10 6.44 -26.55 -9.98
CA GLY B 10 6.45 -28.00 -9.81
C GLY B 10 6.32 -28.84 -11.07
N PRO B 11 5.32 -28.53 -11.92
CA PRO B 11 5.14 -29.36 -13.13
C PRO B 11 6.30 -29.24 -14.14
N THR B 12 7.22 -28.32 -13.94
CA THR B 12 8.41 -28.26 -14.81
C THR B 12 9.57 -29.10 -14.29
N ALA B 13 9.38 -29.74 -13.15
CA ALA B 13 10.45 -30.46 -12.51
C ALA B 13 10.74 -31.77 -13.23
N ARG B 14 11.99 -32.22 -13.15
CA ARG B 14 12.37 -33.52 -13.65
C ARG B 14 13.10 -34.25 -12.54
N PRO B 15 12.78 -35.53 -12.36
CA PRO B 15 13.43 -36.39 -11.37
C PRO B 15 14.85 -36.73 -11.80
N VAL B 16 15.80 -36.58 -10.88
CA VAL B 16 17.19 -36.93 -11.15
C VAL B 16 17.64 -37.95 -10.14
N ARG B 17 18.14 -39.08 -10.62
CA ARG B 17 18.69 -40.10 -9.73
C ARG B 17 19.95 -39.57 -9.06
N LEU B 18 20.03 -39.76 -7.75
CA LEU B 18 21.13 -39.21 -6.97
C LEU B 18 22.50 -39.68 -7.46
N GLU B 19 22.57 -40.88 -8.02
CA GLU B 19 23.84 -41.46 -8.45
C GLU B 19 24.45 -40.70 -9.63
N SER B 20 23.60 -40.03 -10.39
CA SER B 20 24.07 -39.20 -11.49
C SER B 20 24.78 -37.97 -10.97
N LEU B 21 24.64 -37.69 -9.68
CA LEU B 21 25.25 -36.48 -9.11
C LEU B 21 26.72 -36.68 -8.72
N GLU B 22 27.24 -37.90 -8.89
CA GLU B 22 28.62 -38.20 -8.52
C GLU B 22 29.61 -37.21 -9.11
N ASP B 23 30.55 -36.77 -8.26
CA ASP B 23 31.58 -35.80 -8.60
C ASP B 23 31.14 -34.38 -8.97
N LYS B 24 29.83 -34.14 -9.05
CA LYS B 24 29.30 -32.81 -9.31
C LYS B 24 29.60 -31.85 -8.16
N ARG B 25 30.06 -30.65 -8.51
CA ARG B 25 30.20 -29.61 -7.50
C ARG B 25 28.84 -28.92 -7.25
N MET B 26 28.37 -28.98 -6.00
CA MET B 26 27.10 -28.37 -5.65
C MET B 26 27.23 -27.26 -4.61
N ALA B 27 26.70 -26.09 -4.94
CA ALA B 27 26.51 -25.07 -3.94
C ALA B 27 25.37 -25.52 -3.04
N VAL B 28 25.61 -25.55 -1.73
CA VAL B 28 24.58 -25.93 -0.77
C VAL B 28 24.15 -24.71 0.00
N ASP B 29 22.86 -24.38 -0.08
CA ASP B 29 22.31 -23.25 0.66
C ASP B 29 22.00 -23.71 2.08
N ALA B 30 22.89 -23.38 3.01
CA ALA B 30 22.73 -23.85 4.38
C ALA B 30 22.16 -22.77 5.30
N SER B 31 21.80 -21.63 4.71
CA SER B 31 21.35 -20.45 5.47
C SER B 31 20.39 -20.70 6.65
N ILE B 32 19.37 -21.52 6.47
CA ILE B 32 18.44 -21.75 7.58
C ILE B 32 18.53 -23.13 8.26
N TRP B 33 19.49 -23.95 7.88
CA TRP B 33 19.65 -25.28 8.51
C TRP B 33 19.67 -25.29 10.05
N ILE B 34 20.52 -24.47 10.66
CA ILE B 34 20.62 -24.48 12.11
C ILE B 34 19.28 -24.16 12.76
N TYR B 35 18.62 -23.10 12.26
CA TYR B 35 17.30 -22.76 12.79
C TYR B 35 16.26 -23.89 12.61
N GLN B 36 16.25 -24.51 11.44
CA GLN B 36 15.29 -25.57 11.18
C GLN B 36 15.50 -26.78 12.08
N PHE B 37 16.75 -27.19 12.23
CA PHE B 37 17.04 -28.31 13.12
C PHE B 37 16.58 -28.02 14.55
N LEU B 38 16.78 -26.78 14.98
CA LEU B 38 16.34 -26.34 16.30
C LEU B 38 14.85 -26.51 16.46
N LYS B 39 14.09 -25.99 15.50
CA LYS B 39 12.63 -26.06 15.53
C LYS B 39 12.11 -27.48 15.36
N ALA B 40 12.77 -28.27 14.52
CA ALA B 40 12.22 -29.55 14.08
C ALA B 40 12.59 -30.73 14.98
N VAL B 41 13.67 -30.59 15.74
CA VAL B 41 14.10 -31.64 16.64
C VAL B 41 13.82 -31.21 18.06
N ARG B 42 12.82 -31.81 18.69
CA ARG B 42 12.48 -31.47 20.06
C ARG B 42 12.29 -32.70 20.95
N ASP B 43 11.93 -32.47 22.20
CA ASP B 43 11.78 -33.55 23.18
C ASP B 43 10.33 -33.69 23.64
N GLN B 44 10.15 -34.34 24.79
CA GLN B 44 8.83 -34.46 25.41
C GLN B 44 8.72 -33.56 26.64
N ASN B 47 10.35 -28.66 23.64
CA ASN B 47 11.66 -28.03 23.88
C ASN B 47 12.80 -28.64 23.06
N ALA B 48 13.76 -27.81 22.66
CA ALA B 48 14.76 -28.17 21.64
C ALA B 48 15.87 -29.10 22.13
N VAL B 49 16.13 -30.16 21.36
CA VAL B 49 17.24 -31.07 21.63
C VAL B 49 18.59 -30.37 21.50
N LYS B 50 19.49 -30.63 22.44
CA LYS B 50 20.83 -30.04 22.39
C LYS B 50 21.61 -30.67 21.25
N ASN B 51 22.40 -29.85 20.56
CA ASN B 51 23.26 -30.30 19.47
C ASN B 51 22.57 -30.80 18.19
N SER B 52 21.32 -30.40 17.98
CA SER B 52 20.60 -30.82 16.79
C SER B 52 21.27 -30.27 15.54
N HIS B 53 22.01 -29.19 15.70
CA HIS B 53 22.71 -28.61 14.57
C HIS B 53 23.88 -29.47 14.14
N ILE B 54 24.52 -30.13 15.11
CA ILE B 54 25.62 -31.05 14.80
C ILE B 54 25.06 -32.32 14.18
N THR B 55 24.04 -32.88 14.80
CA THR B 55 23.42 -34.10 14.29
C THR B 55 22.87 -33.90 12.88
N GLY B 56 22.17 -32.79 12.68
CA GLY B 56 21.54 -32.47 11.42
C GLY B 56 22.52 -32.30 10.28
N PHE B 57 23.52 -31.47 10.51
CA PHE B 57 24.55 -31.28 9.50
C PHE B 57 25.29 -32.57 9.21
N PHE B 58 25.54 -33.34 10.25
CA PHE B 58 26.28 -34.58 10.07
C PHE B 58 25.56 -35.54 9.15
N ARG B 59 24.26 -35.72 9.39
CA ARG B 59 23.44 -36.61 8.57
C ARG B 59 23.48 -36.21 7.10
N ARG B 60 23.25 -34.93 6.84
CA ARG B 60 23.17 -34.43 5.47
C ARG B 60 24.51 -34.42 4.74
N ILE B 61 25.56 -34.00 5.44
CA ILE B 61 26.89 -34.11 4.89
C ILE B 61 27.15 -35.54 4.44
N CYS B 62 26.76 -36.51 5.28
CA CYS B 62 26.92 -37.93 4.93
C CYS B 62 26.17 -38.31 3.67
N LYS B 63 24.90 -37.90 3.56
CA LYS B 63 24.12 -38.18 2.37
C LYS B 63 24.79 -37.62 1.12
N LEU B 64 25.30 -36.39 1.20
CA LEU B 64 26.00 -35.81 0.06
C LEU B 64 27.24 -36.64 -0.32
N LEU B 65 28.05 -37.01 0.66
CA LEU B 65 29.30 -37.72 0.37
C LEU B 65 29.03 -39.12 -0.14
N TYR B 66 27.98 -39.75 0.36
CA TYR B 66 27.62 -41.06 -0.11
C TYR B 66 27.39 -41.10 -1.62
N PHE B 67 26.82 -40.04 -2.19
CA PHE B 67 26.58 -39.99 -3.63
C PHE B 67 27.70 -39.26 -4.35
N GLY B 68 28.80 -39.01 -3.65
CA GLY B 68 30.00 -38.48 -4.25
C GLY B 68 29.88 -37.05 -4.71
N ILE B 69 28.95 -36.32 -4.11
CA ILE B 69 28.78 -34.91 -4.41
C ILE B 69 29.92 -34.12 -3.78
N ARG B 70 30.41 -33.12 -4.51
CA ARG B 70 31.41 -32.21 -3.96
C ARG B 70 30.73 -30.92 -3.55
N PRO B 71 30.46 -30.77 -2.25
CA PRO B 71 29.65 -29.63 -1.83
C PRO B 71 30.49 -28.44 -1.41
N VAL B 72 29.94 -27.25 -1.60
CA VAL B 72 30.50 -26.04 -1.04
C VAL B 72 29.36 -25.38 -0.27
N PHE B 73 29.51 -25.24 1.05
CA PHE B 73 28.41 -24.73 1.85
C PHE B 73 28.37 -23.21 1.85
N VAL B 74 27.17 -22.66 1.87
CA VAL B 74 26.98 -21.22 1.84
C VAL B 74 26.09 -20.78 2.99
N PHE B 75 26.56 -19.78 3.75
CA PHE B 75 25.82 -19.27 4.90
C PHE B 75 25.41 -17.84 4.66
N ASP B 76 24.35 -17.39 5.33
CA ASP B 76 23.95 -16.01 5.22
C ASP B 76 24.97 -15.11 5.86
N GLY B 77 25.30 -14.01 5.18
CA GLY B 77 25.97 -12.88 5.80
C GLY B 77 24.96 -12.08 6.59
N GLY B 78 24.57 -10.93 6.08
CA GLY B 78 23.59 -10.11 6.77
C GLY B 78 22.20 -10.19 6.15
N VAL B 79 21.28 -9.40 6.69
CA VAL B 79 19.93 -9.35 6.17
C VAL B 79 19.68 -8.02 5.46
N PRO B 80 19.32 -8.07 4.16
CA PRO B 80 19.07 -6.83 3.40
C PRO B 80 17.91 -6.05 4.00
N VAL B 81 17.90 -4.75 3.78
CA VAL B 81 16.97 -3.86 4.49
C VAL B 81 15.52 -4.16 4.13
N LEU B 82 15.28 -4.37 2.83
CA LEU B 82 13.97 -4.73 2.31
C LEU B 82 13.46 -6.01 2.96
N LYS B 83 14.37 -6.94 3.23
CA LYS B 83 13.98 -8.21 3.85
C LYS B 83 13.69 -8.04 5.36
N ARG B 84 14.42 -7.14 6.01
CA ARG B 84 14.12 -6.85 7.41
C ARG B 84 12.74 -6.22 7.53
N GLU B 85 12.53 -5.15 6.77
CA GLU B 85 11.28 -4.41 6.78
C GLU B 85 10.06 -5.30 6.53
N THR B 86 10.19 -6.20 5.54
CA THR B 86 9.10 -7.14 5.26
C THR B 86 8.84 -8.05 6.46
N ILE B 87 9.88 -8.72 6.95
CA ILE B 87 9.71 -9.61 8.09
C ILE B 87 9.41 -8.87 9.39
N ARG B 88 9.49 -7.54 9.36
CA ARG B 88 9.13 -6.72 10.50
C ARG B 88 7.65 -6.37 10.45
N GLN B 89 6.85 -7.25 9.85
CA GLN B 89 5.42 -7.04 9.75
C GLN B 89 4.67 -8.37 9.87
N SER B 143 12.28 -17.32 21.05
CA SER B 143 12.43 -18.57 21.80
C SER B 143 13.78 -19.24 21.53
N ASP B 144 13.95 -19.77 20.33
CA ASP B 144 15.21 -20.38 19.93
C ASP B 144 16.04 -19.44 19.07
N GLU B 145 17.32 -19.34 19.37
CA GLU B 145 18.23 -18.46 18.63
C GLU B 145 19.40 -19.22 18.06
N VAL B 146 19.91 -18.76 16.92
CA VAL B 146 21.13 -19.30 16.35
C VAL B 146 22.33 -18.54 16.93
N THR B 147 23.08 -19.22 17.80
CA THR B 147 24.27 -18.62 18.42
C THR B 147 25.46 -18.72 17.50
N MET B 148 26.39 -17.78 17.63
CA MET B 148 27.62 -17.81 16.85
C MET B 148 28.39 -19.12 17.06
N ASP B 149 28.27 -19.70 18.26
CA ASP B 149 28.87 -20.99 18.60
C ASP B 149 28.36 -22.13 17.70
N MET B 150 27.04 -22.22 17.57
CA MET B 150 26.41 -23.18 16.66
C MET B 150 27.00 -23.09 15.26
N ILE B 151 27.11 -21.87 14.75
CA ILE B 151 27.69 -21.65 13.43
C ILE B 151 29.16 -22.08 13.37
N LYS B 152 29.93 -21.68 14.38
CA LYS B 152 31.33 -22.05 14.45
C LYS B 152 31.49 -23.57 14.49
N GLU B 153 30.61 -24.23 15.23
CA GLU B 153 30.63 -25.67 15.34
C GLU B 153 30.37 -26.40 14.02
N VAL B 154 29.32 -26.02 13.28
CA VAL B 154 29.03 -26.73 12.04
C VAL B 154 30.13 -26.45 11.03
N GLN B 155 30.68 -25.25 11.11
CA GLN B 155 31.77 -24.87 10.23
C GLN B 155 33.05 -25.66 10.55
N GLU B 156 33.30 -25.88 11.85
CA GLU B 156 34.40 -26.73 12.25
C GLU B 156 34.16 -28.13 11.71
N LEU B 157 32.91 -28.57 11.76
CA LEU B 157 32.55 -29.90 11.30
C LEU B 157 32.81 -30.07 9.80
N LEU B 158 32.49 -29.03 9.03
CA LEU B 158 32.68 -29.09 7.58
C LEU B 158 34.16 -29.14 7.27
N SER B 159 34.94 -28.34 7.99
CA SER B 159 36.38 -28.30 7.74
C SER B 159 36.99 -29.69 7.96
N ARG B 160 36.53 -30.40 8.98
CA ARG B 160 37.06 -31.72 9.29
C ARG B 160 36.60 -32.76 8.29
N PHE B 161 35.54 -32.44 7.54
CA PHE B 161 35.06 -33.31 6.49
C PHE B 161 35.80 -32.98 5.20
N GLY B 162 36.55 -31.88 5.23
CA GLY B 162 37.29 -31.41 4.07
C GLY B 162 36.38 -30.68 3.10
N ILE B 163 35.26 -30.17 3.61
CA ILE B 163 34.29 -29.50 2.78
C ILE B 163 34.40 -27.99 2.91
N PRO B 164 34.68 -27.29 1.80
CA PRO B 164 34.77 -25.82 1.77
C PRO B 164 33.42 -25.15 2.13
N TYR B 165 33.46 -23.98 2.76
CA TYR B 165 32.25 -23.22 3.05
C TYR B 165 32.54 -21.73 2.91
N ILE B 166 31.51 -20.96 2.57
CA ILE B 166 31.64 -19.50 2.55
C ILE B 166 30.46 -18.83 3.25
N THR B 167 30.68 -17.59 3.68
CA THR B 167 29.60 -16.80 4.22
C THR B 167 29.28 -15.75 3.16
N ALA B 168 28.07 -15.82 2.63
CA ALA B 168 27.61 -14.84 1.63
C ALA B 168 27.72 -13.47 2.25
N PRO B 169 27.93 -12.44 1.42
CA PRO B 169 27.85 -11.09 1.99
C PRO B 169 26.45 -10.82 2.56
N MET B 170 25.41 -11.25 1.85
CA MET B 170 24.05 -11.13 2.36
C MET B 170 23.32 -12.46 2.33
N GLU B 171 22.39 -12.62 1.39
CA GLU B 171 21.60 -13.85 1.28
C GLU B 171 22.41 -14.92 0.60
N ALA B 172 22.33 -16.13 1.15
CA ALA B 172 23.01 -17.29 0.62
C ALA B 172 22.52 -17.72 -0.77
N GLU B 173 21.21 -17.67 -1.01
CA GLU B 173 20.66 -18.09 -2.31
C GLU B 173 21.21 -17.18 -3.40
N ALA B 174 21.29 -15.88 -3.11
CA ALA B 174 21.86 -14.93 -4.07
C ALA B 174 23.32 -15.30 -4.37
N GLN B 175 24.08 -15.59 -3.32
CA GLN B 175 25.49 -16.01 -3.45
C GLN B 175 25.61 -17.31 -4.23
N CYS B 176 24.68 -18.25 -3.97
CA CYS B 176 24.66 -19.52 -4.69
C CYS B 176 24.51 -19.33 -6.21
N ALA B 177 23.56 -18.49 -6.63
CA ALA B 177 23.37 -18.19 -8.04
C ALA B 177 24.66 -17.65 -8.64
N GLU B 178 25.30 -16.76 -7.90
CA GLU B 178 26.57 -16.18 -8.31
C GLU B 178 27.62 -17.27 -8.52
N LEU B 179 27.74 -18.20 -7.57
CA LEU B 179 28.72 -19.29 -7.69
C LEU B 179 28.51 -20.06 -8.99
N LEU B 180 27.25 -20.29 -9.35
CA LEU B 180 26.94 -21.05 -10.56
C LEU B 180 27.21 -20.25 -11.82
N GLN B 181 26.96 -18.94 -11.75
CA GLN B 181 27.26 -18.04 -12.87
C GLN B 181 28.76 -18.02 -13.16
N LEU B 182 29.58 -17.98 -12.12
CA LEU B 182 31.04 -17.94 -12.25
C LEU B 182 31.63 -19.33 -12.47
N ASN B 183 30.78 -20.31 -12.74
CA ASN B 183 31.21 -21.70 -12.91
C ASN B 183 32.07 -22.31 -11.77
N LEU B 184 31.93 -21.81 -10.55
CA LEU B 184 32.58 -22.45 -9.41
C LEU B 184 31.86 -23.72 -8.94
N VAL B 185 30.58 -23.87 -9.33
CA VAL B 185 29.78 -25.06 -9.04
C VAL B 185 29.01 -25.51 -10.27
N ASP B 186 28.46 -26.72 -10.22
CA ASP B 186 27.71 -27.27 -11.35
C ASP B 186 26.20 -27.29 -11.11
N GLY B 187 25.80 -26.97 -9.88
CA GLY B 187 24.42 -27.01 -9.50
C GLY B 187 24.20 -26.41 -8.12
N ILE B 188 22.96 -26.08 -7.83
CA ILE B 188 22.63 -25.46 -6.56
C ILE B 188 21.63 -26.34 -5.83
N ILE B 189 21.99 -26.72 -4.61
CA ILE B 189 21.09 -27.43 -3.75
C ILE B 189 20.42 -26.45 -2.81
N THR B 190 19.14 -26.23 -3.03
CA THR B 190 18.36 -25.34 -2.20
C THR B 190 16.87 -25.64 -2.36
N ASP B 191 16.10 -25.24 -1.37
CA ASP B 191 14.66 -25.42 -1.38
C ASP B 191 14.01 -24.03 -1.36
N ASP B 192 14.82 -22.99 -1.53
CA ASP B 192 14.31 -21.64 -1.46
C ASP B 192 14.03 -21.12 -2.87
N SER B 193 12.76 -20.86 -3.18
CA SER B 193 12.39 -20.44 -4.54
C SER B 193 12.89 -19.04 -4.92
N ASP B 194 13.33 -18.25 -3.93
CA ASP B 194 14.01 -16.98 -4.22
C ASP B 194 15.21 -17.11 -5.14
N VAL B 195 15.80 -18.30 -5.17
CA VAL B 195 17.02 -18.51 -5.96
C VAL B 195 16.81 -18.19 -7.45
N PHE B 196 15.62 -18.47 -7.99
CA PHE B 196 15.36 -18.19 -9.41
C PHE B 196 15.38 -16.69 -9.72
N LEU B 197 14.91 -15.90 -8.77
CA LEU B 197 14.78 -14.46 -8.97
C LEU B 197 16.15 -13.81 -8.90
N PHE B 198 17.08 -14.50 -8.25
CA PHE B 198 18.45 -14.04 -8.10
C PHE B 198 19.30 -14.52 -9.26
N GLY B 199 18.66 -15.18 -10.23
CA GLY B 199 19.38 -15.57 -11.43
C GLY B 199 19.72 -17.05 -11.48
N GLY B 200 19.28 -17.79 -10.46
CA GLY B 200 19.68 -19.17 -10.33
C GLY B 200 19.03 -20.10 -11.33
N THR B 201 19.78 -21.08 -11.77
CA THR B 201 19.24 -22.18 -12.56
C THR B 201 19.90 -23.47 -12.04
N LYS B 202 19.59 -24.60 -12.67
CA LYS B 202 20.08 -25.89 -12.19
C LYS B 202 19.87 -26.01 -10.67
N ILE B 203 18.61 -26.01 -10.27
CA ILE B 203 18.24 -26.09 -8.87
C ILE B 203 17.86 -27.54 -8.50
N TYR B 204 18.42 -28.03 -7.40
CA TYR B 204 18.13 -29.38 -6.93
C TYR B 204 17.35 -29.33 -5.65
N LYS B 205 16.05 -29.60 -5.74
CA LYS B 205 15.14 -29.42 -4.63
C LYS B 205 14.83 -30.75 -3.96
N ASN B 206 14.58 -30.74 -2.65
CA ASN B 206 14.26 -31.94 -1.90
C ASN B 206 15.43 -32.92 -1.76
N MET B 207 16.64 -32.40 -1.77
CA MET B 207 17.82 -33.21 -1.55
C MET B 207 17.75 -34.00 -0.24
N PHE B 208 17.06 -33.45 0.75
CA PHE B 208 17.08 -34.10 2.07
C PHE B 208 15.74 -34.68 2.53
N HIS B 209 14.89 -35.03 1.56
CA HIS B 209 13.82 -35.99 1.81
C HIS B 209 14.45 -37.37 1.70
N GLU B 210 13.82 -38.37 2.31
CA GLU B 210 14.28 -39.75 2.13
C GLU B 210 13.69 -40.33 0.85
N LYS B 211 14.40 -40.13 -0.25
CA LYS B 211 13.97 -40.56 -1.59
C LYS B 211 15.18 -40.99 -2.42
N ASN B 212 14.93 -41.82 -3.43
CA ASN B 212 15.98 -42.27 -4.35
C ASN B 212 16.44 -41.15 -5.29
N TYR B 213 15.60 -40.12 -5.41
CA TYR B 213 15.80 -39.05 -6.38
C TYR B 213 15.69 -37.65 -5.77
N VAL B 214 15.97 -36.65 -6.61
CA VAL B 214 15.87 -35.26 -6.23
C VAL B 214 15.09 -34.55 -7.36
N GLU B 215 14.46 -33.42 -7.10
CA GLU B 215 13.78 -32.65 -8.15
C GLU B 215 14.70 -31.63 -8.80
N PHE B 216 14.85 -31.70 -10.13
CA PHE B 216 15.69 -30.76 -10.86
C PHE B 216 14.85 -29.68 -11.56
N TYR B 217 15.16 -28.42 -11.28
CA TYR B 217 14.50 -27.28 -11.93
C TYR B 217 15.52 -26.43 -12.69
N ASP B 218 15.14 -25.92 -13.86
CA ASP B 218 15.97 -24.92 -14.54
C ASP B 218 15.15 -23.77 -15.15
N ALA B 219 15.82 -22.65 -15.34
CA ALA B 219 15.20 -21.43 -15.80
C ALA B 219 14.67 -21.61 -17.21
N GLU B 220 15.41 -22.34 -18.03
CA GLU B 220 14.95 -22.66 -19.38
C GLU B 220 13.60 -23.41 -19.40
N SER B 221 13.43 -24.45 -18.56
CA SER B 221 12.16 -25.19 -18.55
C SER B 221 10.99 -24.32 -18.09
N ILE B 222 11.27 -23.42 -17.16
CA ILE B 222 10.26 -22.50 -16.65
C ILE B 222 9.84 -21.56 -17.78
N LEU B 223 10.83 -21.07 -18.50
CA LEU B 223 10.64 -20.19 -19.64
C LEU B 223 9.83 -20.90 -20.74
N LYS B 224 10.21 -22.13 -21.08
CA LYS B 224 9.51 -22.85 -22.14
C LYS B 224 8.12 -23.32 -21.74
N LEU B 225 7.98 -23.81 -20.50
CA LEU B 225 6.71 -24.41 -20.08
C LEU B 225 5.70 -23.43 -19.44
N LEU B 226 6.19 -22.32 -18.91
CA LEU B 226 5.31 -21.41 -18.19
C LEU B 226 5.38 -19.99 -18.76
N GLY B 227 6.31 -19.76 -19.67
CA GLY B 227 6.47 -18.46 -20.29
C GLY B 227 7.14 -17.44 -19.39
N LEU B 228 7.73 -17.88 -18.29
CA LEU B 228 8.24 -16.95 -17.31
C LEU B 228 9.74 -16.76 -17.43
N ASP B 229 10.15 -15.52 -17.56
CA ASP B 229 11.56 -15.19 -17.51
C ASP B 229 11.83 -14.58 -16.16
N ARG B 230 13.04 -14.06 -15.99
CA ARG B 230 13.45 -13.58 -14.68
C ARG B 230 12.65 -12.35 -14.28
N LYS B 231 12.46 -11.42 -15.21
CA LYS B 231 11.66 -10.25 -14.91
C LYS B 231 10.22 -10.66 -14.52
N ASN B 232 9.63 -11.61 -15.24
CA ASN B 232 8.31 -12.12 -14.88
C ASN B 232 8.24 -12.62 -13.43
N MET B 233 9.24 -13.42 -13.04
CA MET B 233 9.25 -14.03 -11.72
C MET B 233 9.36 -12.97 -10.65
N ILE B 234 10.13 -11.93 -10.97
CA ILE B 234 10.31 -10.82 -10.06
C ILE B 234 9.02 -10.03 -9.90
N GLU B 235 8.29 -9.86 -11.00
CA GLU B 235 7.00 -9.18 -10.93
C GLU B 235 5.95 -10.06 -10.25
N LEU B 236 5.97 -11.35 -10.57
CA LEU B 236 5.11 -12.34 -9.93
C LEU B 236 5.27 -12.31 -8.41
N ALA B 237 6.48 -12.05 -7.93
CA ALA B 237 6.70 -11.98 -6.49
C ALA B 237 5.90 -10.85 -5.83
N GLN B 238 5.68 -9.80 -6.60
CA GLN B 238 5.01 -8.63 -6.07
C GLN B 238 3.49 -8.82 -6.08
N LEU B 239 3.02 -9.93 -6.67
CA LEU B 239 1.62 -10.35 -6.52
C LEU B 239 1.48 -11.38 -5.40
N LEU B 240 2.30 -12.44 -5.50
CA LEU B 240 2.30 -13.56 -4.55
C LEU B 240 2.81 -13.26 -3.15
N GLY B 241 3.83 -12.42 -3.05
CA GLY B 241 4.53 -12.18 -1.79
C GLY B 241 5.84 -12.93 -1.72
N SER B 242 6.83 -12.35 -1.03
CA SER B 242 8.12 -12.98 -0.79
C SER B 242 8.75 -12.31 0.44
N ASP B 243 10.03 -12.55 0.69
CA ASP B 243 10.68 -11.88 1.82
C ASP B 243 10.98 -10.41 1.51
N TYR B 244 10.79 -10.01 0.26
CA TYR B 244 11.12 -8.65 -0.14
C TYR B 244 9.87 -7.82 -0.44
N THR B 245 8.69 -8.42 -0.29
CA THR B 245 7.44 -7.75 -0.62
C THR B 245 6.22 -8.53 -0.12
N ASN B 246 5.19 -7.79 0.30
CA ASN B 246 4.00 -8.41 0.86
C ASN B 246 3.05 -8.92 -0.22
N GLY B 247 3.29 -8.53 -1.46
CA GLY B 247 2.40 -8.91 -2.54
C GLY B 247 1.04 -8.25 -2.37
N LEU B 248 0.04 -8.76 -3.09
CA LEU B 248 -1.31 -8.19 -3.06
C LEU B 248 -2.31 -9.15 -2.46
N LYS B 249 -3.02 -8.69 -1.44
CA LYS B 249 -4.03 -9.48 -0.78
C LYS B 249 -5.07 -9.95 -1.81
N GLY B 250 -5.36 -11.26 -1.82
CA GLY B 250 -6.30 -11.83 -2.77
C GLY B 250 -5.70 -12.41 -4.05
N MET B 251 -4.41 -12.14 -4.28
CA MET B 251 -3.73 -12.67 -5.46
C MET B 251 -2.95 -13.95 -5.11
N GLY B 252 -3.44 -15.09 -5.57
CA GLY B 252 -2.79 -16.35 -5.33
C GLY B 252 -2.17 -16.86 -6.60
N PRO B 253 -1.74 -18.12 -6.61
CA PRO B 253 -1.04 -18.66 -7.78
C PRO B 253 -1.88 -18.65 -9.06
N VAL B 254 -3.18 -18.93 -8.98
CA VAL B 254 -3.97 -18.93 -10.21
C VAL B 254 -4.03 -17.53 -10.87
N SER B 255 -4.48 -16.52 -10.14
CA SER B 255 -4.73 -15.22 -10.78
C SER B 255 -3.47 -14.42 -11.01
N SER B 256 -2.42 -14.68 -10.23
CA SER B 256 -1.15 -13.98 -10.44
C SER B 256 -0.53 -14.43 -11.75
N ILE B 257 -0.59 -15.73 -12.01
CA ILE B 257 -0.16 -16.24 -13.31
C ILE B 257 -1.02 -15.65 -14.46
N GLU B 258 -2.33 -15.60 -14.26
CA GLU B 258 -3.21 -15.01 -15.27
C GLU B 258 -2.87 -13.55 -15.54
N VAL B 259 -2.54 -12.81 -14.49
CA VAL B 259 -2.22 -11.41 -14.63
C VAL B 259 -0.95 -11.20 -15.46
N ILE B 260 0.11 -11.92 -15.14
CA ILE B 260 1.34 -11.79 -15.91
C ILE B 260 1.10 -12.25 -17.35
N ALA B 261 0.30 -13.28 -17.54
CA ALA B 261 0.04 -13.77 -18.89
C ALA B 261 -0.84 -12.83 -19.71
N GLU B 262 -1.90 -12.30 -19.10
CA GLU B 262 -2.83 -11.40 -19.82
C GLU B 262 -2.30 -9.99 -20.01
N PHE B 263 -1.56 -9.48 -19.02
CA PHE B 263 -1.13 -8.08 -19.06
C PHE B 263 0.33 -7.91 -19.44
N GLY B 264 1.09 -9.00 -19.43
CA GLY B 264 2.48 -8.91 -19.78
C GLY B 264 3.34 -8.43 -18.61
N ASN B 265 2.98 -7.30 -17.99
CA ASN B 265 3.78 -6.76 -16.89
C ASN B 265 2.96 -5.89 -15.92
N LEU B 266 3.55 -5.54 -14.78
CA LEU B 266 2.79 -4.90 -13.72
C LEU B 266 2.38 -3.48 -14.07
N LYS B 267 3.20 -2.85 -14.90
CA LYS B 267 2.87 -1.53 -15.43
C LYS B 267 1.53 -1.59 -16.17
N ASN B 268 1.37 -2.54 -17.08
CA ASN B 268 0.13 -2.66 -17.82
C ASN B 268 -1.05 -2.99 -16.94
N PHE B 269 -0.82 -3.92 -16.02
CA PHE B 269 -1.82 -4.37 -15.08
C PHE B 269 -2.35 -3.17 -14.28
N LYS B 270 -1.45 -2.34 -13.79
CA LYS B 270 -1.80 -1.17 -13.00
C LYS B 270 -2.57 -0.12 -13.80
N ASP B 271 -2.11 0.14 -15.03
CA ASP B 271 -2.78 1.10 -15.90
C ASP B 271 -4.20 0.61 -16.18
N TRP B 272 -4.34 -0.66 -16.53
CA TRP B 272 -5.66 -1.25 -16.69
C TRP B 272 -6.54 -1.01 -15.45
N TYR B 273 -5.98 -1.29 -14.27
CA TYR B 273 -6.74 -1.15 -13.03
C TYR B 273 -7.16 0.29 -12.80
N ASN B 274 -6.17 1.17 -12.87
CA ASN B 274 -6.40 2.58 -12.58
C ASN B 274 -7.31 3.27 -13.61
N ASN B 275 -7.08 2.99 -14.89
CA ASN B 275 -7.89 3.56 -15.97
C ASN B 275 -9.35 3.16 -15.85
N GLY B 276 -9.61 1.87 -15.66
CA GLY B 276 -10.95 1.35 -15.46
C GLY B 276 -11.67 1.89 -14.24
N GLN B 277 -10.93 2.12 -13.15
CA GLN B 277 -11.51 2.74 -11.97
C GLN B 277 -11.95 4.17 -12.29
N PHE B 278 -11.25 4.82 -13.21
CA PHE B 278 -11.56 6.19 -13.53
C PHE B 278 -12.72 6.29 -14.54
N ASP B 279 -12.66 5.47 -15.58
CA ASP B 279 -13.59 5.61 -16.69
C ASP B 279 -14.60 4.47 -16.67
N LYS B 280 -15.82 4.78 -16.25
CA LYS B 280 -16.86 3.76 -16.16
C LYS B 280 -17.17 3.12 -17.51
N ARG B 281 -16.94 3.85 -18.60
CA ARG B 281 -17.24 3.31 -19.92
C ARG B 281 -16.25 2.22 -20.30
N LYS B 282 -15.01 2.36 -19.86
CA LYS B 282 -14.01 1.35 -20.15
C LYS B 282 -14.39 0.01 -19.51
N GLN B 283 -15.10 0.08 -18.39
CA GLN B 283 -15.45 -1.12 -17.66
C GLN B 283 -16.51 -1.93 -18.38
N GLU B 284 -17.32 -1.24 -19.17
CA GLU B 284 -18.45 -1.88 -19.81
C GLU B 284 -18.00 -2.78 -20.93
N THR B 285 -16.77 -2.59 -21.37
CA THR B 285 -16.23 -3.44 -22.44
C THR B 285 -15.44 -4.63 -21.88
N GLU B 286 -15.34 -4.75 -20.55
CA GLU B 286 -14.42 -5.71 -19.94
C GLU B 286 -14.91 -7.15 -19.99
N ASN B 287 -13.99 -8.09 -20.18
CA ASN B 287 -14.34 -9.51 -20.22
C ASN B 287 -14.48 -10.10 -18.82
N LYS B 288 -14.73 -11.40 -18.73
CA LYS B 288 -15.02 -12.03 -17.45
C LYS B 288 -13.80 -11.92 -16.54
N PHE B 289 -12.64 -12.26 -17.09
CA PHE B 289 -11.39 -12.23 -16.36
C PHE B 289 -11.15 -10.88 -15.72
N GLU B 290 -11.36 -9.81 -16.49
CA GLU B 290 -11.08 -8.47 -16.02
C GLU B 290 -12.11 -8.02 -15.03
N LYS B 291 -13.37 -8.32 -15.33
CA LYS B 291 -14.48 -7.89 -14.50
C LYS B 291 -14.35 -8.49 -13.12
N ASP B 292 -14.08 -9.80 -13.07
CA ASP B 292 -13.99 -10.50 -11.80
C ASP B 292 -12.77 -9.99 -11.04
N LEU B 293 -11.67 -9.81 -11.77
CA LEU B 293 -10.41 -9.40 -11.17
C LEU B 293 -10.55 -8.02 -10.54
N ARG B 294 -11.20 -7.10 -11.26
CA ARG B 294 -11.39 -5.74 -10.79
C ARG B 294 -12.12 -5.72 -9.44
N LYS B 295 -13.25 -6.43 -9.41
CA LYS B 295 -14.06 -6.49 -8.22
C LYS B 295 -13.25 -7.01 -7.04
N LYS B 296 -12.50 -8.08 -7.28
CA LYS B 296 -11.72 -8.71 -6.21
C LYS B 296 -10.67 -7.74 -5.67
N LEU B 297 -9.98 -7.04 -6.56
CA LEU B 297 -8.98 -6.05 -6.15
C LEU B 297 -9.59 -4.93 -5.34
N VAL B 298 -10.69 -4.36 -5.82
CA VAL B 298 -11.32 -3.28 -5.07
C VAL B 298 -11.78 -3.79 -3.71
N ASN B 299 -12.33 -5.00 -3.68
CA ASN B 299 -12.82 -5.50 -2.41
C ASN B 299 -11.71 -5.69 -1.41
N ASN B 300 -10.54 -6.09 -1.91
CA ASN B 300 -9.37 -6.22 -1.07
C ASN B 300 -8.66 -4.90 -0.84
N GLU B 301 -9.30 -3.81 -1.27
CA GLU B 301 -8.82 -2.46 -0.99
C GLU B 301 -7.47 -2.13 -1.65
N ILE B 302 -7.22 -2.79 -2.78
CA ILE B 302 -5.98 -2.62 -3.51
C ILE B 302 -5.86 -1.23 -4.17
N ILE B 303 -4.76 -0.55 -3.85
CA ILE B 303 -4.41 0.72 -4.45
C ILE B 303 -3.05 0.51 -5.07
N LEU B 304 -2.91 0.86 -6.34
CA LEU B 304 -1.64 0.66 -7.05
C LEU B 304 -1.07 2.01 -7.50
N ASP B 305 -0.09 2.53 -6.76
CA ASP B 305 0.40 3.87 -7.09
C ASP B 305 1.79 3.89 -7.69
N ASP B 306 2.42 5.07 -7.63
CA ASP B 306 3.68 5.33 -8.31
C ASP B 306 4.77 4.32 -7.95
N ASP B 307 4.72 3.77 -6.74
CA ASP B 307 5.74 2.84 -6.32
C ASP B 307 5.43 1.38 -6.66
N PHE B 308 4.38 1.15 -7.45
CA PHE B 308 4.04 -0.19 -7.94
C PHE B 308 4.20 -0.22 -9.46
N PRO B 309 5.01 -1.15 -10.00
CA PRO B 309 5.90 -2.10 -9.33
C PRO B 309 7.04 -1.40 -8.63
N SER B 310 7.68 -2.11 -7.69
CA SER B 310 8.75 -1.54 -6.88
C SER B 310 10.10 -1.64 -7.57
N VAL B 311 10.77 -0.50 -7.71
CA VAL B 311 12.11 -0.47 -8.26
C VAL B 311 13.08 -1.01 -7.20
N MET B 312 12.79 -0.70 -5.94
CA MET B 312 13.50 -1.26 -4.79
C MET B 312 13.51 -2.78 -4.82
N VAL B 313 12.35 -3.38 -5.07
CA VAL B 313 12.23 -4.82 -5.12
C VAL B 313 12.97 -5.36 -6.34
N TYR B 314 12.82 -4.69 -7.47
CA TYR B 314 13.50 -5.11 -8.67
C TYR B 314 15.04 -5.08 -8.50
N ASP B 315 15.55 -4.04 -7.85
CA ASP B 315 16.98 -3.91 -7.59
C ASP B 315 17.49 -5.03 -6.70
N ALA B 316 16.77 -5.24 -5.60
CA ALA B 316 17.16 -6.22 -4.61
C ALA B 316 17.36 -7.61 -5.23
N TYR B 317 16.52 -7.98 -6.19
CA TYR B 317 16.67 -9.28 -6.87
C TYR B 317 17.65 -9.24 -8.03
N MET B 318 17.68 -8.13 -8.76
CA MET B 318 18.56 -8.02 -9.93
C MET B 318 20.00 -7.72 -9.55
N ARG B 319 20.18 -6.95 -8.48
CA ARG B 319 21.54 -6.63 -8.00
C ARG B 319 21.77 -6.97 -6.53
N PRO B 320 21.61 -8.24 -6.17
CA PRO B 320 21.88 -8.57 -4.77
C PRO B 320 23.35 -8.31 -4.45
N GLU B 321 23.67 -8.11 -3.18
CA GLU B 321 25.06 -7.96 -2.80
C GLU B 321 25.68 -9.34 -2.75
N VAL B 322 26.67 -9.57 -3.59
CA VAL B 322 27.32 -10.86 -3.70
C VAL B 322 28.84 -10.72 -3.83
N ASP B 323 29.54 -11.82 -3.56
CA ASP B 323 30.99 -11.87 -3.69
C ASP B 323 31.35 -12.40 -5.08
N HIS B 324 32.06 -11.58 -5.86
CA HIS B 324 32.41 -11.97 -7.23
C HIS B 324 33.73 -12.76 -7.33
N ASP B 325 34.29 -13.19 -6.20
CA ASP B 325 35.56 -13.93 -6.23
C ASP B 325 35.52 -15.20 -7.09
N THR B 326 36.53 -15.36 -7.94
CA THR B 326 36.56 -16.48 -8.87
C THR B 326 37.57 -17.59 -8.54
N THR B 327 38.10 -17.57 -7.32
CA THR B 327 39.00 -18.64 -6.88
C THR B 327 38.23 -19.96 -6.75
N PRO B 328 38.66 -21.00 -7.48
CA PRO B 328 38.00 -22.31 -7.41
C PRO B 328 38.07 -22.87 -6.01
N PHE B 329 36.99 -23.51 -5.58
CA PHE B 329 36.94 -24.09 -4.24
C PHE B 329 37.81 -25.32 -4.14
N VAL B 330 38.31 -25.58 -2.94
CA VAL B 330 39.18 -26.71 -2.72
C VAL B 330 38.52 -27.78 -1.86
N TRP B 331 38.35 -28.96 -2.45
CA TRP B 331 37.81 -30.10 -1.72
C TRP B 331 38.91 -30.98 -1.13
N GLY B 332 38.87 -31.16 0.18
CA GLY B 332 39.81 -32.02 0.87
C GLY B 332 39.24 -33.42 1.07
N VAL B 333 39.82 -34.17 1.99
CA VAL B 333 39.28 -35.48 2.33
C VAL B 333 38.80 -35.49 3.78
N PRO B 334 37.76 -36.27 4.09
CA PRO B 334 37.30 -36.37 5.47
C PRO B 334 38.43 -36.84 6.38
N ASP B 335 38.67 -36.14 7.48
CA ASP B 335 39.71 -36.50 8.43
C ASP B 335 39.15 -37.41 9.53
N LEU B 336 39.38 -38.71 9.40
CA LEU B 336 38.78 -39.66 10.33
C LEU B 336 39.14 -39.39 11.81
N ASP B 337 40.41 -39.11 12.06
CA ASP B 337 40.86 -38.86 13.43
C ASP B 337 40.18 -37.63 14.02
N MET B 338 40.12 -36.55 13.25
CA MET B 338 39.50 -35.32 13.75
C MET B 338 37.97 -35.44 13.84
N LEU B 339 37.39 -36.29 13.02
CA LEU B 339 35.94 -36.50 13.05
C LEU B 339 35.51 -37.33 14.27
N ARG B 340 36.31 -38.33 14.63
CA ARG B 340 36.08 -39.07 15.87
C ARG B 340 36.12 -38.16 17.09
N SER B 341 37.19 -37.39 17.20
CA SER B 341 37.32 -36.55 18.39
C SER B 341 36.24 -35.49 18.44
N PHE B 342 35.83 -34.98 17.27
CA PHE B 342 34.76 -34.00 17.22
C PHE B 342 33.42 -34.60 17.66
N MET B 343 33.08 -35.77 17.13
CA MET B 343 31.80 -36.37 17.52
C MET B 343 31.82 -36.83 18.97
N LYS B 344 32.99 -37.26 19.45
CA LYS B 344 33.10 -37.67 20.84
C LYS B 344 32.86 -36.47 21.75
N THR B 345 33.58 -35.38 21.50
CA THR B 345 33.45 -34.17 22.30
C THR B 345 32.03 -33.63 22.32
N GLN B 346 31.41 -33.54 21.15
CA GLN B 346 30.14 -32.83 20.99
C GLN B 346 28.91 -33.67 21.28
N LEU B 347 28.96 -34.96 20.94
CA LEU B 347 27.79 -35.83 21.13
C LEU B 347 28.04 -37.04 22.02
N GLY B 348 29.30 -37.27 22.38
CA GLY B 348 29.61 -38.45 23.19
C GLY B 348 29.61 -39.72 22.35
N TRP B 349 29.75 -39.58 21.04
CA TRP B 349 29.86 -40.76 20.18
C TRP B 349 31.21 -41.41 20.43
N PRO B 350 31.21 -42.70 20.77
CA PRO B 350 32.46 -43.48 20.81
C PRO B 350 33.04 -43.50 19.40
N HIS B 351 34.36 -43.57 19.28
CA HIS B 351 35.00 -43.59 17.97
C HIS B 351 34.45 -44.73 17.11
N GLU B 352 34.15 -45.84 17.77
CA GLU B 352 33.61 -47.03 17.13
C GLU B 352 32.32 -46.71 16.37
N LYS B 353 31.49 -45.87 16.97
CA LYS B 353 30.24 -45.45 16.38
C LYS B 353 30.45 -44.54 15.16
N SER B 354 31.43 -43.63 15.24
CA SER B 354 31.70 -42.74 14.13
C SER B 354 32.29 -43.55 12.99
N ASP B 355 33.07 -44.57 13.35
CA ASP B 355 33.78 -45.39 12.37
C ASP B 355 32.85 -46.10 11.38
N GLU B 356 31.83 -46.78 11.91
CA GLU B 356 30.95 -47.58 11.08
C GLU B 356 30.24 -46.71 10.05
N ILE B 357 29.88 -45.49 10.46
CA ILE B 357 29.29 -44.52 9.54
C ILE B 357 30.32 -43.93 8.60
N LEU B 358 31.46 -43.49 9.13
CA LEU B 358 32.42 -42.72 8.34
C LEU B 358 33.34 -43.52 7.43
N ILE B 359 33.77 -44.70 7.88
CA ILE B 359 34.78 -45.45 7.12
C ILE B 359 34.34 -45.83 5.68
N PRO B 360 33.09 -46.33 5.53
CA PRO B 360 32.62 -46.56 4.16
C PRO B 360 32.48 -45.29 3.32
N LEU B 361 32.46 -44.12 3.94
CA LEU B 361 32.32 -42.86 3.21
C LEU B 361 33.65 -42.29 2.75
N ILE B 362 34.74 -42.84 3.25
CA ILE B 362 36.08 -42.33 2.94
C ILE B 362 36.75 -43.19 1.87
N GLY E 1 32.87 27.96 -2.43
CA GLY E 1 32.47 27.68 -3.81
C GLY E 1 31.24 28.49 -4.19
N VAL E 2 30.76 28.26 -5.41
CA VAL E 2 29.56 28.91 -5.89
C VAL E 2 28.38 28.01 -5.53
N HIS E 3 27.39 28.56 -4.83
CA HIS E 3 26.27 27.76 -4.36
CA HIS E 3 26.26 27.76 -4.37
C HIS E 3 25.55 27.08 -5.52
N SER E 4 25.28 25.79 -5.37
CA SER E 4 24.63 24.96 -6.40
C SER E 4 25.46 24.68 -7.65
N PHE E 5 26.67 25.24 -7.73
CA PHE E 5 27.45 25.09 -8.97
C PHE E 5 27.84 23.65 -9.33
N TRP E 6 28.22 22.83 -8.34
CA TRP E 6 28.46 21.43 -8.62
C TRP E 6 27.21 20.73 -9.17
N ASP E 7 26.03 21.20 -8.81
CA ASP E 7 24.80 20.58 -9.34
C ASP E 7 24.64 20.91 -10.82
N ILE E 8 24.91 22.17 -11.14
CA ILE E 8 24.87 22.62 -12.50
C ILE E 8 25.91 21.87 -13.33
N ALA E 9 27.15 21.85 -12.84
CA ALA E 9 28.28 21.29 -13.59
C ALA E 9 28.33 19.75 -13.58
N GLY E 10 27.70 19.15 -12.58
CA GLY E 10 27.63 17.70 -12.43
C GLY E 10 27.54 16.87 -13.70
N PRO E 11 26.52 17.13 -14.53
CA PRO E 11 26.39 16.31 -15.75
C PRO E 11 27.55 16.39 -16.77
N THR E 12 28.46 17.35 -16.65
CA THR E 12 29.62 17.39 -17.54
C THR E 12 30.77 16.51 -17.05
N ALA E 13 30.62 15.94 -15.86
CA ALA E 13 31.68 15.16 -15.21
C ALA E 13 31.98 13.87 -15.95
N ARG E 14 33.26 13.56 -16.11
CA ARG E 14 33.69 12.27 -16.65
C ARG E 14 34.27 11.43 -15.53
N PRO E 15 33.82 10.17 -15.42
CA PRO E 15 34.42 9.34 -14.37
C PRO E 15 35.91 9.12 -14.68
N VAL E 16 36.74 9.09 -13.65
CA VAL E 16 38.19 9.08 -13.81
C VAL E 16 38.76 7.71 -13.47
N ARG E 17 39.51 7.13 -14.39
CA ARG E 17 40.19 5.86 -14.13
C ARG E 17 41.34 6.07 -13.15
N LEU E 18 41.29 5.39 -12.01
CA LEU E 18 42.31 5.56 -10.98
C LEU E 18 43.72 5.29 -11.48
N GLU E 19 43.87 4.25 -12.30
CA GLU E 19 45.17 3.97 -12.93
C GLU E 19 45.74 5.14 -13.73
N SER E 20 44.87 6.04 -14.19
CA SER E 20 45.33 7.16 -15.01
C SER E 20 45.98 8.25 -14.16
N LEU E 21 45.86 8.13 -12.85
CA LEU E 21 46.47 9.11 -11.96
C LEU E 21 48.00 8.96 -11.85
N GLU E 22 48.51 7.77 -12.15
CA GLU E 22 49.93 7.47 -11.94
C GLU E 22 50.90 8.42 -12.66
N ASP E 23 51.84 8.97 -11.89
CA ASP E 23 52.81 9.97 -12.35
C ASP E 23 52.25 11.36 -12.66
N LYS E 24 50.96 11.57 -12.41
CA LYS E 24 50.38 12.91 -12.48
C LYS E 24 50.87 13.82 -11.34
N ARG E 25 51.44 14.96 -11.69
CA ARG E 25 51.65 16.00 -10.68
C ARG E 25 50.31 16.69 -10.40
N MET E 26 49.84 16.64 -9.15
CA MET E 26 48.57 17.23 -8.76
C MET E 26 48.76 18.32 -7.71
N ALA E 27 48.23 19.52 -7.97
CA ALA E 27 48.08 20.50 -6.89
C ALA E 27 46.92 20.02 -6.02
N VAL E 28 47.16 19.94 -4.71
CA VAL E 28 46.14 19.48 -3.77
C VAL E 28 45.72 20.66 -2.91
N ASP E 29 44.50 21.13 -3.15
CA ASP E 29 43.92 22.19 -2.34
C ASP E 29 43.63 21.64 -0.94
N ALA E 30 44.50 21.97 0.02
CA ALA E 30 44.40 21.38 1.34
C ALA E 30 43.89 22.42 2.30
N SER E 31 43.48 23.55 1.74
CA SER E 31 43.15 24.75 2.50
C SER E 31 42.23 24.56 3.71
N ILE E 32 41.29 23.62 3.66
CA ILE E 32 40.34 23.49 4.77
C ILE E 32 40.32 22.09 5.35
N TRP E 33 41.31 21.29 5.00
CA TRP E 33 41.38 19.91 5.50
C TRP E 33 41.38 19.80 7.02
N ILE E 34 42.20 20.61 7.67
CA ILE E 34 42.35 20.52 9.11
C ILE E 34 41.04 20.85 9.83
N TYR E 35 40.50 22.03 9.54
CA TYR E 35 39.19 22.42 10.06
C TYR E 35 38.13 21.36 9.83
N GLN E 36 38.05 20.81 8.62
CA GLN E 36 37.04 19.80 8.32
C GLN E 36 37.24 18.56 9.15
N PHE E 37 38.48 18.09 9.23
CA PHE E 37 38.80 16.94 10.06
C PHE E 37 38.40 17.20 11.51
N LEU E 38 38.70 18.38 12.03
CA LEU E 38 38.22 18.77 13.36
C LEU E 38 36.71 18.57 13.47
N LYS E 39 35.96 19.20 12.56
CA LYS E 39 34.51 19.14 12.60
C LYS E 39 33.96 17.75 12.32
N ALA E 40 34.58 17.02 11.38
CA ALA E 40 34.00 15.75 10.91
C ALA E 40 34.18 14.59 11.87
N VAL E 41 35.38 14.46 12.45
CA VAL E 41 35.67 13.34 13.33
C VAL E 41 35.64 13.74 14.82
N ARG E 42 34.65 13.21 15.54
CA ARG E 42 34.34 13.64 16.90
C ARG E 42 34.38 12.50 17.91
N ASP E 43 34.60 12.86 19.18
CA ASP E 43 34.43 11.94 20.30
C ASP E 43 32.98 11.47 20.34
N GLN E 44 32.78 10.22 20.74
CA GLN E 44 31.41 9.70 20.87
C GLN E 44 30.68 10.33 22.05
N GLU E 45 31.45 10.94 22.95
CA GLU E 45 30.89 11.63 24.12
C GLU E 45 31.09 13.14 24.01
N ALA E 48 35.36 15.94 19.68
CA ALA E 48 36.41 16.44 18.81
C ALA E 48 37.75 15.70 19.03
N VAL E 49 37.95 14.63 18.26
CA VAL E 49 39.11 13.76 18.38
C VAL E 49 40.46 14.50 18.32
N LYS E 50 41.41 14.05 19.15
CA LYS E 50 42.77 14.60 19.15
C LYS E 50 43.57 14.11 17.95
N ASN E 51 44.29 15.02 17.31
CA ASN E 51 45.13 14.67 16.16
C ASN E 51 44.38 14.09 14.94
N SER E 52 43.12 14.47 14.77
CA SER E 52 42.37 14.04 13.60
C SER E 52 43.05 14.56 12.32
N HIS E 53 43.60 15.77 12.39
CA HIS E 53 44.38 16.30 11.28
C HIS E 53 45.57 15.41 10.87
N ILE E 54 46.26 14.81 11.84
CA ILE E 54 47.43 14.00 11.52
C ILE E 54 46.95 12.72 10.87
N THR E 55 45.93 12.14 11.48
CA THR E 55 45.33 10.90 10.98
C THR E 55 44.76 11.11 9.57
N GLY E 56 44.11 12.26 9.40
CA GLY E 56 43.43 12.58 8.16
C GLY E 56 44.37 12.83 7.01
N PHE E 57 45.37 13.67 7.24
CA PHE E 57 46.39 13.92 6.23
C PHE E 57 47.14 12.63 5.93
N PHE E 58 47.38 11.83 6.96
CA PHE E 58 48.15 10.63 6.76
C PHE E 58 47.44 9.65 5.84
N ARG E 59 46.18 9.36 6.13
CA ARG E 59 45.41 8.46 5.26
CA ARG E 59 45.38 8.49 5.27
C ARG E 59 45.31 9.00 3.83
N ARG E 60 45.16 10.30 3.66
CA ARG E 60 45.06 10.87 2.31
C ARG E 60 46.36 10.85 1.51
N ILE E 61 47.47 11.18 2.17
CA ILE E 61 48.78 11.12 1.54
C ILE E 61 49.02 9.71 0.99
N CYS E 62 48.67 8.71 1.79
CA CYS E 62 48.89 7.32 1.39
C CYS E 62 48.08 6.90 0.17
N LYS E 63 46.82 7.34 0.11
CA LYS E 63 45.99 7.09 -1.07
C LYS E 63 46.65 7.72 -2.30
N LEU E 64 47.03 8.99 -2.20
CA LEU E 64 47.74 9.69 -3.28
C LEU E 64 48.97 8.92 -3.73
N LEU E 65 49.77 8.45 -2.78
CA LEU E 65 51.01 7.76 -3.15
C LEU E 65 50.69 6.36 -3.67
N TYR E 66 49.68 5.72 -3.08
CA TYR E 66 49.25 4.40 -3.56
C TYR E 66 48.90 4.41 -5.05
N PHE E 67 48.36 5.51 -5.53
CA PHE E 67 48.06 5.63 -6.95
C PHE E 67 49.14 6.34 -7.74
N GLY E 68 50.28 6.59 -7.12
CA GLY E 68 51.45 7.12 -7.81
C GLY E 68 51.33 8.57 -8.21
N ILE E 69 50.50 9.31 -7.46
CA ILE E 69 50.37 10.75 -7.69
C ILE E 69 51.57 11.48 -7.07
N ARG E 70 52.05 12.49 -7.77
CA ARG E 70 53.11 13.37 -7.30
C ARG E 70 52.44 14.65 -6.77
N PRO E 71 52.12 14.70 -5.47
CA PRO E 71 51.29 15.83 -5.01
C PRO E 71 52.08 17.08 -4.64
N VAL E 72 51.45 18.23 -4.85
CA VAL E 72 51.96 19.48 -4.33
C VAL E 72 50.85 20.09 -3.49
N PHE E 73 51.08 20.17 -2.19
CA PHE E 73 50.05 20.66 -1.30
C PHE E 73 50.01 22.16 -1.25
N VAL E 74 48.80 22.71 -1.32
CA VAL E 74 48.62 24.15 -1.28
C VAL E 74 47.75 24.56 -0.09
N PHE E 75 48.26 25.49 0.71
CA PHE E 75 47.53 26.01 1.86
C PHE E 75 47.13 27.47 1.63
N ASP E 76 46.09 27.92 2.33
CA ASP E 76 45.61 29.31 2.20
C ASP E 76 46.56 30.29 2.85
N GLY E 77 46.75 31.44 2.22
CA GLY E 77 47.47 32.54 2.83
C GLY E 77 46.52 33.44 3.58
N GLY E 78 46.13 34.54 2.95
CA GLY E 78 45.15 35.43 3.56
C GLY E 78 43.75 35.27 2.99
N VAL E 79 42.83 36.06 3.53
CA VAL E 79 41.45 36.08 3.04
C VAL E 79 41.17 37.41 2.35
N PRO E 80 41.07 37.41 1.01
CA PRO E 80 40.82 38.67 0.28
C PRO E 80 39.65 39.47 0.85
N VAL E 81 39.73 40.80 0.70
CA VAL E 81 38.76 41.73 1.27
C VAL E 81 37.32 41.34 0.99
N LEU E 82 37.04 41.11 -0.29
CA LEU E 82 35.71 40.79 -0.77
C LEU E 82 35.13 39.60 -0.02
N LYS E 83 35.99 38.65 0.36
CA LYS E 83 35.54 37.44 1.05
C LYS E 83 35.21 37.67 2.52
N ARG E 84 36.10 38.35 3.25
CA ARG E 84 35.86 38.65 4.65
C ARG E 84 34.57 39.47 4.84
N GLU E 85 34.30 40.36 3.89
CA GLU E 85 33.07 41.16 3.91
C GLU E 85 31.83 40.31 3.70
N THR E 86 31.94 39.27 2.88
CA THR E 86 30.83 38.36 2.62
C THR E 86 30.62 37.44 3.81
N ILE E 87 31.70 36.99 4.41
CA ILE E 87 31.60 36.19 5.62
C ILE E 87 31.06 37.05 6.75
N ARG E 88 31.43 38.34 6.75
CA ARG E 88 30.97 39.28 7.77
C ARG E 88 29.44 39.43 7.79
N GLN E 89 28.86 39.71 6.63
CA GLN E 89 27.41 39.83 6.50
C GLN E 89 26.73 38.49 6.73
N ARG E 90 27.37 37.41 6.29
CA ARG E 90 26.86 36.06 6.49
C ARG E 90 26.61 35.77 7.96
N LYS E 91 27.52 36.25 8.81
CA LYS E 91 27.41 36.08 10.25
C LYS E 91 26.23 36.87 10.81
N ASP E 144 35.53 24.62 17.41
CA ASP E 144 36.94 24.25 17.37
C ASP E 144 37.73 25.25 16.54
N GLU E 145 39.06 25.10 16.53
CA GLU E 145 39.93 26.10 15.93
C GLU E 145 41.24 25.51 15.41
N VAL E 146 41.70 26.01 14.27
CA VAL E 146 42.95 25.56 13.67
C VAL E 146 44.12 26.38 14.19
N THR E 147 44.99 25.73 14.96
CA THR E 147 46.11 26.40 15.60
C THR E 147 47.38 26.31 14.76
N MET E 148 48.22 27.32 14.84
CA MET E 148 49.53 27.35 14.17
C MET E 148 50.30 26.04 14.30
N ASP E 149 50.06 25.33 15.41
CA ASP E 149 50.65 24.03 15.64
C ASP E 149 50.12 22.93 14.71
N MET E 150 48.81 22.91 14.48
CA MET E 150 48.20 21.88 13.65
C MET E 150 48.71 21.99 12.22
N ILE E 151 48.84 23.24 11.78
CA ILE E 151 49.41 23.58 10.49
C ILE E 151 50.88 23.16 10.37
N LYS E 152 51.69 23.56 11.36
CA LYS E 152 53.11 23.18 11.41
C LYS E 152 53.26 21.67 11.35
N GLU E 153 52.40 20.97 12.08
CA GLU E 153 52.48 19.51 12.16
C GLU E 153 52.17 18.80 10.85
N VAL E 154 51.11 19.19 10.14
CA VAL E 154 50.79 18.50 8.91
C VAL E 154 51.89 18.81 7.91
N GLN E 155 52.46 20.01 8.00
CA GLN E 155 53.56 20.41 7.14
C GLN E 155 54.83 19.62 7.39
N GLU E 156 55.07 19.26 8.65
CA GLU E 156 56.21 18.43 8.99
C GLU E 156 55.98 17.03 8.44
N LEU E 157 54.73 16.58 8.50
CA LEU E 157 54.37 15.26 7.97
C LEU E 157 54.64 15.18 6.47
N LEU E 158 54.22 16.22 5.77
CA LEU E 158 54.42 16.29 4.33
C LEU E 158 55.91 16.25 4.00
N SER E 159 56.70 17.03 4.72
CA SER E 159 58.15 17.04 4.50
C SER E 159 58.80 15.66 4.71
N ARG E 160 58.31 14.89 5.68
CA ARG E 160 58.88 13.56 5.90
C ARG E 160 58.44 12.57 4.84
N PHE E 161 57.36 12.88 4.15
CA PHE E 161 56.90 12.05 3.05
C PHE E 161 57.65 12.43 1.79
N GLY E 162 58.36 13.55 1.84
CA GLY E 162 59.07 14.05 0.68
C GLY E 162 58.13 14.82 -0.24
N ILE E 163 57.05 15.34 0.33
CA ILE E 163 56.03 16.00 -0.47
C ILE E 163 56.15 17.51 -0.35
N PRO E 164 56.38 18.19 -1.47
CA PRO E 164 56.46 19.64 -1.45
C PRO E 164 55.10 20.28 -1.12
N TYR E 165 55.13 21.39 -0.39
CA TYR E 165 53.93 22.19 -0.15
C TYR E 165 54.25 23.68 -0.26
N ILE E 166 53.19 24.46 -0.48
CA ILE E 166 53.30 25.90 -0.53
C ILE E 166 52.10 26.55 0.15
N THR E 167 52.26 27.81 0.47
CA THR E 167 51.23 28.61 1.05
C THR E 167 50.93 29.70 0.03
N ALA E 168 49.71 29.68 -0.50
CA ALA E 168 49.25 30.69 -1.42
C ALA E 168 49.35 32.01 -0.70
N PRO E 169 49.54 33.09 -1.46
CA PRO E 169 49.41 34.43 -0.86
C PRO E 169 47.99 34.67 -0.35
N MET E 170 46.98 34.25 -1.11
CA MET E 170 45.60 34.37 -0.66
C MET E 170 44.86 33.02 -0.68
N GLU E 171 43.98 32.85 -1.65
CA GLU E 171 43.18 31.63 -1.75
C GLU E 171 43.96 30.51 -2.45
N ALA E 172 43.93 29.33 -1.84
CA ALA E 172 44.60 28.16 -2.40
C ALA E 172 44.07 27.74 -3.77
N GLU E 173 42.75 27.75 -3.97
CA GLU E 173 42.18 27.39 -5.28
C GLU E 173 42.75 28.26 -6.40
N ALA E 174 42.79 29.57 -6.18
CA ALA E 174 43.35 30.47 -7.17
C ALA E 174 44.82 30.09 -7.44
N GLN E 175 45.59 29.86 -6.38
CA GLN E 175 46.98 29.45 -6.54
C GLN E 175 47.10 28.12 -7.30
N CYS E 176 46.19 27.19 -7.01
CA CYS E 176 46.17 25.92 -7.73
C CYS E 176 45.95 26.14 -9.21
N ALA E 177 45.00 27.02 -9.53
CA ALA E 177 44.72 27.36 -10.93
C ALA E 177 45.98 27.87 -11.61
N GLU E 178 46.74 28.73 -10.92
CA GLU E 178 48.01 29.24 -11.44
C GLU E 178 49.02 28.15 -11.72
N LEU E 179 49.24 27.28 -10.72
CA LEU E 179 50.19 26.18 -10.86
C LEU E 179 49.95 25.39 -12.14
N LEU E 180 48.68 25.11 -12.43
CA LEU E 180 48.33 24.35 -13.63
C LEU E 180 48.63 25.16 -14.89
N GLN E 181 48.23 26.42 -14.88
CA GLN E 181 48.47 27.31 -15.99
C GLN E 181 49.96 27.36 -16.34
N LEU E 182 50.81 27.39 -15.31
CA LEU E 182 52.25 27.49 -15.51
C LEU E 182 52.88 26.13 -15.82
N ASN E 183 52.05 25.13 -16.02
CA ASN E 183 52.50 23.75 -16.21
C ASN E 183 53.34 23.18 -15.06
N LEU E 184 53.27 23.80 -13.89
CA LEU E 184 53.88 23.25 -12.69
C LEU E 184 53.17 21.97 -12.19
N VAL E 185 51.92 21.75 -12.60
CA VAL E 185 51.22 20.51 -12.31
C VAL E 185 50.38 20.09 -13.52
N ASP E 186 49.78 18.90 -13.43
CA ASP E 186 48.99 18.32 -14.52
C ASP E 186 47.49 18.29 -14.22
N GLY E 187 47.15 18.50 -12.96
CA GLY E 187 45.76 18.45 -12.52
C GLY E 187 45.65 19.11 -11.16
N ILE E 188 44.42 19.48 -10.80
CA ILE E 188 44.13 20.06 -9.50
C ILE E 188 43.18 19.16 -8.73
N ILE E 189 43.56 18.78 -7.51
CA ILE E 189 42.67 18.06 -6.63
C ILE E 189 42.00 19.03 -5.65
N THR E 190 40.69 19.19 -5.80
CA THR E 190 39.90 20.09 -4.98
C THR E 190 38.43 19.74 -5.10
N ASP E 191 37.65 20.11 -4.11
CA ASP E 191 36.20 19.95 -4.16
C ASP E 191 35.55 21.33 -4.09
N ASP E 192 36.35 22.37 -4.29
CA ASP E 192 35.85 23.74 -4.23
C ASP E 192 35.54 24.32 -5.64
N SER E 193 34.27 24.56 -5.93
CA SER E 193 33.87 25.06 -7.25
C SER E 193 34.38 26.46 -7.63
N ASP E 194 34.85 27.24 -6.66
CA ASP E 194 35.53 28.50 -6.98
C ASP E 194 36.68 28.33 -7.98
N VAL E 195 37.32 27.18 -7.95
CA VAL E 195 38.50 26.94 -8.76
C VAL E 195 38.24 27.24 -10.25
N PHE E 196 37.03 26.98 -10.75
CA PHE E 196 36.73 27.29 -12.15
C PHE E 196 36.78 28.80 -12.40
N LEU E 197 36.22 29.56 -11.47
CA LEU E 197 36.08 31.00 -11.67
C LEU E 197 37.44 31.68 -11.67
N PHE E 198 38.39 31.05 -11.00
CA PHE E 198 39.78 31.50 -10.97
C PHE E 198 40.57 31.05 -12.18
N GLY E 199 39.91 30.38 -13.12
CA GLY E 199 40.56 29.95 -14.34
C GLY E 199 41.05 28.52 -14.29
N GLY E 200 40.63 27.78 -13.27
CA GLY E 200 41.04 26.38 -13.13
C GLY E 200 40.38 25.44 -14.13
N THR E 201 41.10 24.39 -14.48
CA THR E 201 40.54 23.30 -15.27
C THR E 201 41.27 22.00 -14.88
N LYS E 202 40.89 20.88 -15.49
CA LYS E 202 41.42 19.57 -15.12
C LYS E 202 41.28 19.33 -13.63
N ILE E 203 40.06 19.52 -13.15
CA ILE E 203 39.75 19.39 -11.74
C ILE E 203 39.36 17.95 -11.38
N TYR E 204 39.99 17.41 -10.34
CA TYR E 204 39.70 16.06 -9.85
C TYR E 204 38.97 16.16 -8.53
N LYS E 205 37.67 15.91 -8.57
CA LYS E 205 36.78 16.07 -7.44
C LYS E 205 36.50 14.70 -6.84
N ASN E 206 36.08 14.68 -5.56
CA ASN E 206 35.84 13.42 -4.85
C ASN E 206 37.05 12.47 -4.77
N MET E 207 38.27 13.01 -4.83
CA MET E 207 39.49 12.21 -4.69
C MET E 207 39.52 11.32 -3.44
N PHE E 208 39.08 11.87 -2.30
CA PHE E 208 39.03 11.14 -1.03
C PHE E 208 37.60 10.81 -0.63
N HIS E 209 36.83 10.36 -1.62
CA HIS E 209 35.39 10.08 -1.55
C HIS E 209 34.83 9.46 -0.26
N GLU E 210 35.24 8.22 0.00
CA GLU E 210 34.59 7.29 0.93
C GLU E 210 33.22 6.82 0.44
N LYS E 211 32.36 7.75 0.04
CA LYS E 211 31.06 7.38 -0.51
C LYS E 211 31.02 7.36 -2.04
N ASN E 212 31.47 8.45 -2.66
CA ASN E 212 31.39 8.65 -4.11
C ASN E 212 32.52 8.04 -4.96
N TYR E 213 32.57 8.39 -6.24
CA TYR E 213 33.72 8.08 -7.08
C TYR E 213 34.39 9.37 -7.64
N VAL E 214 35.62 9.23 -8.14
CA VAL E 214 36.45 10.37 -8.59
C VAL E 214 36.13 10.97 -9.97
N GLU E 215 35.67 12.21 -9.95
CA GLU E 215 35.19 12.88 -11.14
C GLU E 215 36.19 13.86 -11.70
N PHE E 216 36.25 13.90 -13.02
CA PHE E 216 37.09 14.85 -13.70
C PHE E 216 36.23 15.94 -14.35
N TYR E 217 36.60 17.19 -14.13
CA TYR E 217 35.91 18.30 -14.77
C TYR E 217 36.94 19.13 -15.52
N ASP E 218 36.52 19.74 -16.63
CA ASP E 218 37.38 20.67 -17.36
C ASP E 218 36.53 21.80 -17.91
N ALA E 219 37.17 22.93 -18.19
CA ALA E 219 36.49 24.11 -18.68
C ALA E 219 35.88 23.88 -20.06
N GLU E 220 36.60 23.17 -20.91
CA GLU E 220 36.14 22.92 -22.28
C GLU E 220 34.80 22.21 -22.26
N SER E 221 34.69 21.16 -21.44
CA SER E 221 33.45 20.41 -21.36
C SER E 221 32.32 21.27 -20.81
N ILE E 222 32.66 22.18 -19.91
CA ILE E 222 31.67 23.06 -19.32
C ILE E 222 31.13 24.03 -20.37
N LEU E 223 32.03 24.54 -21.20
CA LEU E 223 31.67 25.42 -22.30
C LEU E 223 30.81 24.71 -23.33
N LYS E 224 31.25 23.53 -23.75
CA LYS E 224 30.58 22.80 -24.82
C LYS E 224 29.20 22.24 -24.43
N LEU E 225 29.03 21.86 -23.18
CA LEU E 225 27.79 21.21 -22.80
C LEU E 225 26.81 22.12 -22.07
N LEU E 226 27.31 23.24 -21.55
CA LEU E 226 26.48 24.14 -20.77
C LEU E 226 26.49 25.53 -21.34
N GLY E 227 27.46 25.80 -22.21
CA GLY E 227 27.53 27.10 -22.83
C GLY E 227 28.12 28.14 -21.91
N LEU E 228 28.80 27.69 -20.87
CA LEU E 228 29.38 28.59 -19.88
C LEU E 228 30.88 28.73 -20.04
N ASP E 229 31.32 29.97 -20.25
CA ASP E 229 32.73 30.27 -20.25
C ASP E 229 33.06 30.82 -18.88
N ARG E 230 34.29 31.27 -18.68
CA ARG E 230 34.73 31.70 -17.37
C ARG E 230 33.96 32.93 -16.88
N LYS E 231 33.80 33.92 -17.76
CA LYS E 231 33.06 35.11 -17.36
C LYS E 231 31.56 34.79 -17.15
N ASN E 232 31.00 33.88 -17.92
CA ASN E 232 29.71 33.30 -17.58
C ASN E 232 29.70 32.82 -16.12
N MET E 233 30.65 31.97 -15.77
CA MET E 233 30.70 31.42 -14.43
C MET E 233 30.84 32.50 -13.37
N ILE E 234 31.65 33.51 -13.65
CA ILE E 234 31.74 34.67 -12.74
C ILE E 234 30.39 35.37 -12.58
N GLU E 235 29.59 35.39 -13.64
CA GLU E 235 28.30 36.07 -13.59
C GLU E 235 27.25 35.24 -12.84
N LEU E 236 27.22 33.93 -13.10
CA LEU E 236 26.44 32.99 -12.30
C LEU E 236 26.60 33.17 -10.80
N ALA E 237 27.85 33.33 -10.35
CA ALA E 237 28.12 33.46 -8.92
C ALA E 237 27.40 34.68 -8.35
N GLN E 238 27.12 35.65 -9.21
CA GLN E 238 26.48 36.86 -8.75
C GLN E 238 24.96 36.70 -8.66
N LEU E 239 24.44 35.65 -9.28
CA LEU E 239 23.06 35.21 -9.07
C LEU E 239 22.95 34.19 -7.91
N LEU E 240 23.79 33.15 -7.94
CA LEU E 240 23.72 32.05 -6.97
C LEU E 240 24.39 32.34 -5.64
N GLY E 241 25.36 33.25 -5.64
CA GLY E 241 26.12 33.58 -4.45
C GLY E 241 27.33 32.69 -4.27
N SER E 242 28.30 33.17 -3.51
CA SER E 242 29.57 32.48 -3.28
C SER E 242 30.29 33.22 -2.17
N ASP E 243 31.57 32.92 -1.94
CA ASP E 243 32.33 33.59 -0.87
C ASP E 243 32.57 35.08 -1.18
N TYR E 244 32.29 35.50 -2.40
CA TYR E 244 32.65 36.84 -2.84
C TYR E 244 31.41 37.69 -3.16
N THR E 245 30.23 37.08 -3.11
CA THR E 245 28.98 37.77 -3.41
C THR E 245 27.78 36.98 -2.88
N ASN E 246 26.68 37.68 -2.58
CA ASN E 246 25.55 37.08 -1.89
C ASN E 246 24.46 36.48 -2.76
N GLY E 247 24.50 36.77 -4.06
CA GLY E 247 23.47 36.30 -4.96
C GLY E 247 22.21 37.16 -4.89
N LEU E 248 21.17 36.73 -5.59
CA LEU E 248 19.89 37.41 -5.53
C LEU E 248 18.84 36.44 -4.96
N LYS E 249 17.98 36.95 -4.07
CA LYS E 249 16.88 36.17 -3.54
C LYS E 249 16.03 35.61 -4.65
N GLY E 250 15.76 34.31 -4.60
CA GLY E 250 14.88 33.70 -5.57
C GLY E 250 15.61 33.06 -6.72
N MET E 251 16.88 33.41 -6.87
CA MET E 251 17.64 32.87 -7.98
C MET E 251 18.37 31.60 -7.54
N GLY E 252 17.87 30.47 -8.01
CA GLY E 252 18.50 29.20 -7.71
C GLY E 252 19.17 28.71 -8.98
N PRO E 253 19.65 27.47 -8.98
CA PRO E 253 20.37 26.95 -10.15
C PRO E 253 19.54 26.98 -11.43
N VAL E 254 18.23 26.73 -11.35
CA VAL E 254 17.42 26.67 -12.57
C VAL E 254 17.28 28.06 -13.17
N SER E 255 16.82 29.01 -12.37
CA SER E 255 16.53 30.32 -12.94
C SER E 255 17.78 31.12 -13.20
N SER E 256 18.83 30.87 -12.41
CA SER E 256 20.13 31.49 -12.66
C SER E 256 20.66 31.10 -14.03
N ILE E 257 20.58 29.83 -14.35
CA ILE E 257 21.05 29.37 -15.65
C ILE E 257 20.22 30.01 -16.76
N GLU E 258 18.91 30.06 -16.56
CA GLU E 258 17.98 30.69 -17.49
C GLU E 258 18.36 32.12 -17.83
N VAL E 259 18.70 32.91 -16.81
CA VAL E 259 19.11 34.28 -17.06
C VAL E 259 20.30 34.35 -18.02
N ILE E 260 21.35 33.60 -17.71
CA ILE E 260 22.53 33.61 -18.55
C ILE E 260 22.22 33.10 -19.95
N ALA E 261 21.50 31.99 -20.05
CA ALA E 261 21.23 31.40 -21.36
C ALA E 261 20.35 32.33 -22.21
N GLU E 262 19.37 32.96 -21.60
CA GLU E 262 18.43 33.79 -22.35
C GLU E 262 19.01 35.15 -22.67
N PHE E 263 19.63 35.77 -21.68
CA PHE E 263 20.15 37.12 -21.84
C PHE E 263 21.67 37.21 -22.02
N GLY E 264 22.31 36.09 -22.39
CA GLY E 264 23.75 36.07 -22.65
C GLY E 264 24.70 36.48 -21.54
N ASN E 265 24.43 37.63 -20.92
CA ASN E 265 25.23 38.20 -19.84
C ASN E 265 24.34 39.05 -18.97
N LEU E 266 24.92 39.61 -17.91
CA LEU E 266 24.15 40.26 -16.86
C LEU E 266 23.79 41.69 -17.21
N LYS E 267 24.60 42.30 -18.05
CA LYS E 267 24.34 43.65 -18.52
C LYS E 267 23.01 43.68 -19.27
N ASN E 268 22.90 42.83 -20.29
CA ASN E 268 21.68 42.71 -21.08
C ASN E 268 20.44 42.34 -20.27
N PHE E 269 20.57 41.36 -19.38
CA PHE E 269 19.49 40.94 -18.50
C PHE E 269 18.97 42.13 -17.68
N LYS E 270 19.89 42.93 -17.15
CA LYS E 270 19.52 44.13 -16.41
C LYS E 270 18.95 45.24 -17.30
N ASP E 271 19.43 45.32 -18.54
CA ASP E 271 18.88 46.29 -19.48
C ASP E 271 17.44 45.92 -19.88
N TRP E 272 17.17 44.63 -20.10
CA TRP E 272 15.78 44.17 -20.27
C TRP E 272 14.91 44.45 -19.03
N TYR E 273 15.49 44.28 -17.85
CA TYR E 273 14.76 44.48 -16.60
C TYR E 273 14.41 45.93 -16.46
N ASN E 274 15.41 46.78 -16.58
CA ASN E 274 15.20 48.20 -16.36
C ASN E 274 14.51 49.00 -17.51
N ASN E 275 14.78 48.63 -18.76
CA ASN E 275 14.12 49.30 -19.88
C ASN E 275 12.64 48.93 -19.91
N GLY E 276 12.30 47.84 -19.22
CA GLY E 276 10.93 47.39 -19.16
C GLY E 276 10.07 47.94 -18.03
N GLN E 277 10.70 48.42 -16.94
CA GLN E 277 10.00 48.67 -15.65
C GLN E 277 8.71 49.50 -15.58
N PHE E 278 8.62 50.58 -16.35
CA PHE E 278 7.45 51.48 -16.31
C PHE E 278 6.68 51.48 -17.64
N ASP E 279 6.32 50.28 -18.10
CA ASP E 279 5.65 50.12 -19.39
C ASP E 279 4.18 49.76 -19.22
N LYS E 282 4.61 47.32 -23.08
CA LYS E 282 5.75 46.48 -23.42
C LYS E 282 5.73 45.23 -22.58
N GLN E 283 5.22 45.36 -21.36
CA GLN E 283 5.17 44.22 -20.45
C GLN E 283 4.07 43.28 -20.89
N GLU E 284 3.00 43.86 -21.46
CA GLU E 284 1.89 43.07 -21.95
C GLU E 284 2.31 42.26 -23.17
N THR E 285 3.40 42.68 -23.81
CA THR E 285 3.88 42.03 -25.03
C THR E 285 4.90 40.93 -24.74
N GLU E 286 5.51 40.96 -23.56
CA GLU E 286 6.53 39.99 -23.18
C GLU E 286 6.02 38.55 -23.15
N ASN E 287 6.91 37.61 -23.45
CA ASN E 287 6.55 36.20 -23.42
C ASN E 287 6.46 35.67 -21.98
N LYS E 288 6.22 34.36 -21.87
CA LYS E 288 6.05 33.70 -20.57
C LYS E 288 7.23 33.97 -19.65
N PHE E 289 8.40 33.49 -20.08
CA PHE E 289 9.63 33.61 -19.30
C PHE E 289 9.94 35.05 -18.87
N GLU E 290 9.74 36.01 -19.76
CA GLU E 290 10.01 37.40 -19.43
C GLU E 290 9.07 37.94 -18.37
N LYS E 291 7.77 37.71 -18.56
CA LYS E 291 6.75 38.21 -17.65
C LYS E 291 6.88 37.61 -16.24
N ASP E 292 6.85 36.28 -16.17
CA ASP E 292 7.01 35.59 -14.89
C ASP E 292 8.30 36.01 -14.17
N LEU E 293 9.43 35.96 -14.89
CA LEU E 293 10.70 36.40 -14.30
C LEU E 293 10.64 37.84 -13.81
N ARG E 294 10.03 38.71 -14.63
CA ARG E 294 9.85 40.11 -14.26
C ARG E 294 9.13 40.21 -12.92
N LYS E 295 7.98 39.54 -12.83
CA LYS E 295 7.16 39.50 -11.62
C LYS E 295 7.96 39.00 -10.43
N LYS E 296 8.60 37.84 -10.62
CA LYS E 296 9.42 37.22 -9.59
C LYS E 296 10.48 38.18 -9.04
N LEU E 297 11.23 38.80 -9.94
CA LEU E 297 12.30 39.71 -9.53
C LEU E 297 11.70 40.82 -8.70
N VAL E 298 10.68 41.46 -9.28
CA VAL E 298 9.94 42.52 -8.61
C VAL E 298 9.52 42.07 -7.22
N ASN E 299 8.77 40.96 -7.16
CA ASN E 299 8.30 40.41 -5.90
C ASN E 299 9.42 40.16 -4.91
N ASN E 300 10.58 39.73 -5.41
CA ASN E 300 11.70 39.43 -4.54
C ASN E 300 12.50 40.65 -4.09
N GLU E 301 12.02 41.84 -4.46
CA GLU E 301 12.67 43.10 -4.11
C GLU E 301 14.04 43.20 -4.77
N ILE E 302 14.06 43.12 -6.10
CA ILE E 302 15.31 43.14 -6.84
C ILE E 302 15.50 44.46 -7.60
N ILE E 303 16.52 45.21 -7.21
CA ILE E 303 16.93 46.43 -7.89
C ILE E 303 18.34 46.25 -8.45
N LEU E 304 18.52 46.62 -9.73
CA LEU E 304 19.82 46.45 -10.39
C LEU E 304 20.24 47.70 -11.16
N ASP E 307 26.13 49.33 -10.21
CA ASP E 307 27.13 48.31 -9.91
C ASP E 307 26.62 46.86 -9.95
N PHE E 308 25.74 46.59 -10.91
CA PHE E 308 25.37 45.23 -11.23
C PHE E 308 25.54 45.01 -12.74
N PRO E 309 26.40 44.08 -13.15
CA PRO E 309 27.23 43.22 -12.31
C PRO E 309 28.37 43.98 -11.64
N SER E 310 28.93 43.39 -10.58
CA SER E 310 30.01 44.00 -9.83
C SER E 310 31.33 43.89 -10.59
N VAL E 311 31.96 45.03 -10.82
CA VAL E 311 33.29 45.05 -11.42
C VAL E 311 34.32 44.44 -10.44
N MET E 312 34.25 44.80 -9.16
CA MET E 312 35.25 44.26 -8.22
C MET E 312 35.13 42.75 -7.96
N VAL E 313 33.93 42.21 -8.09
CA VAL E 313 33.79 40.76 -8.05
C VAL E 313 34.45 40.16 -9.29
N TYR E 314 34.29 40.83 -10.43
CA TYR E 314 34.91 40.38 -11.68
C TYR E 314 36.41 40.43 -11.51
N ASP E 315 36.90 41.48 -10.86
CA ASP E 315 38.32 41.64 -10.62
C ASP E 315 38.86 40.53 -9.75
N ALA E 316 38.17 40.25 -8.64
CA ALA E 316 38.68 39.30 -7.65
C ALA E 316 38.82 37.87 -8.19
N TYR E 317 37.97 37.49 -9.13
CA TYR E 317 38.08 36.20 -9.78
C TYR E 317 39.04 36.19 -10.98
N MET E 318 39.03 37.25 -11.78
CA MET E 318 39.87 37.35 -12.98
C MET E 318 41.35 37.57 -12.66
N ARG E 319 41.63 38.39 -11.65
CA ARG E 319 43.00 38.67 -11.27
C ARG E 319 43.24 38.55 -9.78
N PRO E 320 43.17 37.31 -9.26
CA PRO E 320 43.43 37.06 -7.84
C PRO E 320 44.90 37.21 -7.54
N GLU E 321 45.21 37.37 -6.26
CA GLU E 321 46.59 37.49 -5.85
C GLU E 321 47.16 36.08 -5.80
N VAL E 322 48.08 35.79 -6.72
CA VAL E 322 48.76 34.51 -6.75
C VAL E 322 50.28 34.68 -6.89
N ASP E 323 51.01 33.65 -6.48
CA ASP E 323 52.45 33.57 -6.70
C ASP E 323 52.75 33.07 -8.10
N HIS E 324 53.36 33.91 -8.93
CA HIS E 324 53.65 33.51 -10.31
C HIS E 324 54.99 32.78 -10.51
N ASP E 325 55.66 32.41 -9.41
CA ASP E 325 56.91 31.64 -9.46
C ASP E 325 56.83 30.43 -10.41
N THR E 326 57.85 30.26 -11.25
CA THR E 326 57.82 29.22 -12.27
C THR E 326 58.78 28.06 -11.97
N THR E 327 59.38 28.09 -10.78
CA THR E 327 60.31 27.06 -10.35
C THR E 327 59.61 25.75 -10.15
N PRO E 328 60.04 24.70 -10.87
CA PRO E 328 59.35 23.40 -10.72
C PRO E 328 59.47 22.82 -9.31
N PHE E 329 58.50 22.02 -8.91
CA PHE E 329 58.50 21.42 -7.59
C PHE E 329 59.44 20.23 -7.52
N VAL E 330 59.88 19.92 -6.32
CA VAL E 330 60.80 18.84 -6.09
C VAL E 330 60.11 17.81 -5.22
N TRP E 331 60.09 16.57 -5.68
CA TRP E 331 59.58 15.47 -4.90
C TRP E 331 60.73 14.66 -4.33
N GLY E 332 60.75 14.51 -3.01
CA GLY E 332 61.73 13.68 -2.34
C GLY E 332 61.17 12.28 -2.08
N VAL E 333 61.92 11.45 -1.38
CA VAL E 333 61.41 10.13 -1.03
C VAL E 333 60.94 10.14 0.41
N PRO E 334 59.92 9.34 0.72
CA PRO E 334 59.44 9.30 2.09
C PRO E 334 60.54 8.77 3.02
N ASP E 335 60.76 9.48 4.13
CA ASP E 335 61.81 9.12 5.09
C ASP E 335 61.26 8.18 6.15
N LEU E 336 61.48 6.88 5.97
CA LEU E 336 60.92 5.90 6.87
C LEU E 336 61.32 6.10 8.32
N ASP E 337 62.57 6.50 8.56
CA ASP E 337 63.03 6.73 9.93
C ASP E 337 62.24 7.85 10.58
N MET E 338 62.13 8.99 9.90
CA MET E 338 61.44 10.16 10.42
C MET E 338 59.90 9.98 10.51
N LEU E 339 59.35 9.20 9.59
CA LEU E 339 57.91 8.92 9.58
C LEU E 339 57.56 8.00 10.75
N ARG E 340 58.43 7.02 10.99
CA ARG E 340 58.29 6.11 12.14
C ARG E 340 58.17 6.88 13.45
N SER E 341 59.14 7.75 13.70
CA SER E 341 59.16 8.47 14.96
C SER E 341 58.03 9.47 15.05
N PHE E 342 57.69 10.08 13.91
CA PHE E 342 56.57 11.02 13.85
C PHE E 342 55.25 10.35 14.26
N MET E 343 54.90 9.23 13.64
CA MET E 343 53.65 8.53 14.00
C MET E 343 53.65 8.02 15.45
N LYS E 344 54.81 7.58 15.92
CA LYS E 344 55.01 7.16 17.32
C LYS E 344 54.68 8.31 18.27
N THR E 345 55.42 9.40 18.11
CA THR E 345 55.25 10.59 18.93
C THR E 345 53.83 11.14 18.89
N GLN E 346 53.27 11.21 17.68
CA GLN E 346 52.00 11.89 17.48
C GLN E 346 50.79 10.99 17.79
N LEU E 347 50.82 9.74 17.36
CA LEU E 347 49.66 8.87 17.50
C LEU E 347 49.92 7.59 18.28
N GLY E 348 51.12 7.45 18.82
CA GLY E 348 51.46 6.28 19.60
C GLY E 348 51.58 5.03 18.76
N TRP E 349 51.73 5.19 17.45
CA TRP E 349 51.90 4.03 16.58
C TRP E 349 53.25 3.38 16.83
N PRO E 350 53.27 2.06 17.03
CA PRO E 350 54.53 1.33 17.05
C PRO E 350 55.16 1.37 15.66
N HIS E 351 56.49 1.23 15.57
CA HIS E 351 57.17 1.33 14.29
C HIS E 351 56.70 0.30 13.26
N GLU E 352 56.44 -0.92 13.74
CA GLU E 352 56.05 -2.02 12.87
C GLU E 352 54.70 -1.74 12.20
N LYS E 353 53.88 -0.94 12.86
CA LYS E 353 52.59 -0.55 12.31
C LYS E 353 52.78 0.42 11.15
N SER E 354 53.56 1.48 11.39
CA SER E 354 53.94 2.42 10.35
C SER E 354 54.60 1.67 9.21
N ASP E 355 55.37 0.64 9.57
CA ASP E 355 56.11 -0.13 8.60
C ASP E 355 55.18 -0.85 7.66
N GLU E 356 54.17 -1.52 8.22
CA GLU E 356 53.22 -2.34 7.48
C GLU E 356 52.57 -1.54 6.33
N ILE E 357 52.37 -0.25 6.57
CA ILE E 357 51.75 0.66 5.61
C ILE E 357 52.75 1.34 4.69
N LEU E 358 53.83 1.87 5.26
CA LEU E 358 54.72 2.76 4.52
C LEU E 358 55.69 2.07 3.57
N ILE E 359 56.14 0.87 3.94
CA ILE E 359 57.15 0.17 3.15
C ILE E 359 56.69 -0.14 1.70
N PRO E 360 55.46 -0.68 1.52
CA PRO E 360 54.98 -0.85 0.15
C PRO E 360 54.72 0.46 -0.61
N LEU E 361 54.54 1.58 0.08
CA LEU E 361 54.44 2.87 -0.61
C LEU E 361 55.83 3.38 -1.01
N ILE E 362 56.86 2.57 -0.77
CA ILE E 362 58.23 3.00 -1.03
C ILE E 362 58.96 1.99 -1.92
N GLY F 1 -11.63 24.00 3.35
CA GLY F 1 -10.85 22.83 3.71
C GLY F 1 -9.72 23.15 4.67
N VAL F 2 -9.09 22.11 5.20
CA VAL F 2 -7.89 22.27 6.00
C VAL F 2 -6.68 22.09 5.11
N HIS F 3 -5.81 23.10 5.06
CA HIS F 3 -4.57 23.01 4.29
CA HIS F 3 -4.58 23.00 4.29
C HIS F 3 -3.78 21.71 4.58
N SER F 4 -3.47 20.98 3.52
CA SER F 4 -2.73 19.72 3.58
C SER F 4 -3.48 18.53 4.18
N PHE F 5 -4.77 18.71 4.51
CA PHE F 5 -5.48 17.61 5.15
C PHE F 5 -5.66 16.35 4.27
N TRP F 6 -5.87 16.56 2.98
CA TRP F 6 -5.97 15.43 2.08
C TRP F 6 -4.67 14.63 2.02
N ASP F 7 -3.56 15.34 2.11
CA ASP F 7 -2.25 14.67 2.17
C ASP F 7 -2.16 13.73 3.36
N ILE F 8 -2.54 14.27 4.52
CA ILE F 8 -2.54 13.52 5.76
C ILE F 8 -3.49 12.31 5.72
N ALA F 9 -4.69 12.51 5.18
CA ALA F 9 -5.70 11.45 5.13
C ALA F 9 -5.56 10.49 3.95
N GLY F 10 -4.84 10.92 2.92
CA GLY F 10 -4.61 10.13 1.71
C GLY F 10 -4.33 8.65 1.92
N PRO F 11 -3.44 8.31 2.86
CA PRO F 11 -3.18 6.89 3.13
C PRO F 11 -4.39 6.09 3.65
N THR F 12 -5.48 6.75 4.04
CA THR F 12 -6.63 6.00 4.52
C THR F 12 -7.62 5.72 3.40
N ALA F 13 -7.33 6.22 2.20
CA ALA F 13 -8.27 6.13 1.09
C ALA F 13 -8.56 4.69 0.68
N ARG F 14 -9.79 4.45 0.23
CA ARG F 14 -10.12 3.17 -0.36
C ARG F 14 -10.73 3.33 -1.75
N PRO F 15 -10.40 2.42 -2.65
CA PRO F 15 -10.98 2.45 -3.99
C PRO F 15 -12.44 2.05 -3.89
N VAL F 16 -13.19 2.31 -4.97
CA VAL F 16 -14.64 2.16 -4.96
C VAL F 16 -15.14 1.42 -6.20
N ARG F 17 -15.86 0.33 -5.99
CA ARG F 17 -16.53 -0.38 -7.08
C ARG F 17 -17.59 0.54 -7.61
N LEU F 18 -17.51 0.87 -8.89
CA LEU F 18 -18.41 1.87 -9.46
C LEU F 18 -19.88 1.43 -9.40
N GLU F 19 -20.11 0.16 -9.73
CA GLU F 19 -21.46 -0.38 -9.69
C GLU F 19 -22.09 -0.25 -8.30
N SER F 20 -21.27 -0.06 -7.26
CA SER F 20 -21.84 0.15 -5.92
C SER F 20 -22.36 1.57 -5.70
N LEU F 21 -22.08 2.49 -6.65
CA LEU F 21 -22.69 3.83 -6.59
C LEU F 21 -24.14 3.85 -7.10
N GLU F 22 -24.53 2.84 -7.89
CA GLU F 22 -25.87 2.78 -8.48
C GLU F 22 -26.97 2.81 -7.43
N ASP F 23 -27.86 3.78 -7.59
CA ASP F 23 -29.02 3.97 -6.72
C ASP F 23 -28.74 4.56 -5.35
N LYS F 24 -27.49 4.89 -5.08
CA LYS F 24 -27.13 5.49 -3.81
C LYS F 24 -27.54 6.96 -3.77
N ARG F 25 -28.18 7.36 -2.69
CA ARG F 25 -28.46 8.77 -2.45
C ARG F 25 -27.18 9.48 -1.98
N MET F 26 -26.83 10.57 -2.63
CA MET F 26 -25.60 11.27 -2.34
C MET F 26 -25.82 12.77 -2.21
N ALA F 27 -25.57 13.32 -1.04
CA ALA F 27 -25.46 14.75 -0.92
C ALA F 27 -24.26 15.23 -1.76
N VAL F 28 -24.49 16.21 -2.63
CA VAL F 28 -23.45 16.72 -3.53
C VAL F 28 -23.10 18.14 -3.13
N ASP F 29 -21.87 18.35 -2.65
CA ASP F 29 -21.46 19.69 -2.26
C ASP F 29 -21.11 20.53 -3.49
N ALA F 30 -21.97 21.49 -3.82
CA ALA F 30 -21.82 22.28 -5.03
C ALA F 30 -21.54 23.72 -4.69
N SER F 31 -21.21 23.95 -3.42
CA SER F 31 -20.93 25.28 -2.89
C SER F 31 -20.13 26.22 -3.79
N ILE F 32 -19.05 25.72 -4.41
CA ILE F 32 -18.25 26.59 -5.27
C ILE F 32 -18.17 26.20 -6.75
N TRP F 33 -19.05 25.31 -7.20
CA TRP F 33 -19.02 24.90 -8.62
C TRP F 33 -19.10 26.05 -9.61
N ILE F 34 -20.07 26.96 -9.44
CA ILE F 34 -20.26 28.04 -10.40
C ILE F 34 -18.99 28.87 -10.53
N TYR F 35 -18.43 29.28 -9.39
CA TYR F 35 -17.29 30.17 -9.42
C TYR F 35 -16.09 29.49 -10.09
N GLN F 36 -15.94 28.19 -9.80
CA GLN F 36 -14.88 27.40 -10.39
C GLN F 36 -15.08 27.20 -11.87
N PHE F 37 -16.33 27.08 -12.31
CA PHE F 37 -16.55 27.03 -13.75
C PHE F 37 -16.14 28.37 -14.37
N LEU F 38 -16.57 29.47 -13.75
CA LEU F 38 -16.14 30.81 -14.20
C LEU F 38 -14.64 30.93 -14.38
N LYS F 39 -13.89 30.27 -13.51
CA LYS F 39 -12.45 30.40 -13.52
C LYS F 39 -11.78 29.38 -14.43
N ALA F 40 -12.45 28.24 -14.62
CA ALA F 40 -11.78 27.09 -15.25
C ALA F 40 -11.92 27.06 -16.76
N VAL F 41 -12.83 27.85 -17.30
CA VAL F 41 -13.09 27.84 -18.74
C VAL F 41 -13.22 29.27 -19.28
N ARG F 42 -12.24 29.71 -20.07
CA ARG F 42 -12.11 31.14 -20.40
C ARG F 42 -11.91 31.49 -21.88
N ALA F 48 -13.54 34.56 -19.81
CA ALA F 48 -14.56 33.71 -19.19
C ALA F 48 -15.76 33.46 -20.09
N VAL F 49 -15.88 32.22 -20.55
CA VAL F 49 -16.96 31.82 -21.46
C VAL F 49 -18.35 32.01 -20.88
N LYS F 50 -19.28 32.51 -21.69
CA LYS F 50 -20.64 32.74 -21.24
C LYS F 50 -21.35 31.42 -20.95
N ASN F 51 -22.08 31.40 -19.82
CA ASN F 51 -22.92 30.26 -19.47
C ASN F 51 -22.15 28.96 -19.11
N SER F 52 -20.88 29.10 -18.74
CA SER F 52 -20.04 27.96 -18.36
C SER F 52 -20.62 27.22 -17.16
N HIS F 53 -21.40 27.94 -16.36
CA HIS F 53 -22.07 27.35 -15.22
C HIS F 53 -23.15 26.32 -15.64
N ILE F 54 -23.78 26.57 -16.79
CA ILE F 54 -24.77 25.65 -17.32
C ILE F 54 -24.10 24.42 -17.90
N THR F 55 -23.05 24.66 -18.69
CA THR F 55 -22.32 23.57 -19.31
C THR F 55 -21.65 22.74 -18.23
N GLY F 56 -21.06 23.41 -17.26
CA GLY F 56 -20.44 22.74 -16.12
C GLY F 56 -21.40 21.85 -15.35
N PHE F 57 -22.52 22.43 -14.90
CA PHE F 57 -23.48 21.66 -14.13
C PHE F 57 -24.09 20.56 -15.00
N PHE F 58 -24.27 20.83 -16.29
CA PHE F 58 -24.89 19.86 -17.17
C PHE F 58 -23.99 18.63 -17.27
N ARG F 59 -22.71 18.88 -17.48
CA ARG F 59 -21.72 17.83 -17.64
C ARG F 59 -21.66 16.89 -16.43
N ARG F 60 -21.66 17.47 -15.22
CA ARG F 60 -21.54 16.68 -14.01
C ARG F 60 -22.85 15.99 -13.63
N ILE F 61 -23.96 16.67 -13.86
CA ILE F 61 -25.27 16.07 -13.67
C ILE F 61 -25.34 14.79 -14.50
N CYS F 62 -24.91 14.88 -15.75
CA CYS F 62 -24.86 13.72 -16.62
C CYS F 62 -23.96 12.60 -16.10
N LYS F 63 -22.80 12.95 -15.55
CA LYS F 63 -21.94 11.93 -14.95
C LYS F 63 -22.66 11.24 -13.79
N LEU F 64 -23.21 12.04 -12.88
CA LEU F 64 -23.92 11.46 -11.72
C LEU F 64 -25.01 10.50 -12.17
N LEU F 65 -25.81 10.93 -13.15
CA LEU F 65 -26.89 10.06 -13.65
C LEU F 65 -26.32 8.84 -14.36
N TYR F 66 -25.22 9.01 -15.07
CA TYR F 66 -24.60 7.88 -15.76
C TYR F 66 -24.12 6.83 -14.75
N PHE F 67 -23.69 7.28 -13.57
CA PHE F 67 -23.25 6.38 -12.51
C PHE F 67 -24.42 5.80 -11.71
N GLY F 68 -25.63 6.26 -12.02
CA GLY F 68 -26.83 5.76 -11.36
C GLY F 68 -27.11 6.42 -10.02
N ILE F 69 -26.40 7.50 -9.75
CA ILE F 69 -26.50 8.11 -8.44
C ILE F 69 -27.78 8.93 -8.34
N ARG F 70 -28.45 8.87 -7.19
CA ARG F 70 -29.52 9.78 -6.88
C ARG F 70 -29.00 10.95 -6.03
N PRO F 71 -28.57 12.03 -6.68
CA PRO F 71 -27.98 13.17 -5.96
C PRO F 71 -29.00 14.13 -5.37
N VAL F 72 -28.63 14.78 -4.27
CA VAL F 72 -29.34 15.93 -3.77
C VAL F 72 -28.28 17.00 -3.61
N PHE F 73 -28.45 18.09 -4.37
CA PHE F 73 -27.45 19.13 -4.45
C PHE F 73 -27.55 20.03 -3.26
N VAL F 74 -26.40 20.50 -2.78
CA VAL F 74 -26.36 21.35 -1.60
C VAL F 74 -25.61 22.64 -1.89
N PHE F 75 -26.23 23.79 -1.62
CA PHE F 75 -25.62 25.10 -1.91
C PHE F 75 -25.33 25.82 -0.61
N ASP F 76 -24.35 26.73 -0.64
CA ASP F 76 -24.11 27.61 0.51
C ASP F 76 -25.29 28.55 0.75
N GLY F 77 -25.62 28.78 2.02
CA GLY F 77 -26.54 29.84 2.39
C GLY F 77 -25.74 31.08 2.68
N GLY F 78 -25.52 31.36 3.95
CA GLY F 78 -24.68 32.49 4.33
C GLY F 78 -23.20 32.13 4.36
N VAL F 79 -22.38 33.13 4.67
CA VAL F 79 -20.97 32.92 4.96
C VAL F 79 -20.75 33.20 6.44
N PRO F 80 -20.32 32.18 7.21
CA PRO F 80 -20.09 32.33 8.65
C PRO F 80 -19.06 33.41 8.96
N VAL F 81 -19.29 34.10 10.07
CA VAL F 81 -18.45 35.20 10.52
C VAL F 81 -16.97 34.82 10.52
N LEU F 82 -16.67 33.66 11.08
CA LEU F 82 -15.29 33.19 11.21
C LEU F 82 -14.66 33.03 9.82
N LYS F 83 -15.48 32.64 8.86
CA LYS F 83 -15.05 32.39 7.49
C LYS F 83 -14.73 33.67 6.71
N ARG F 84 -15.67 34.62 6.67
CA ARG F 84 -15.37 35.85 5.94
C ARG F 84 -14.21 36.60 6.57
N GLU F 85 -14.13 36.54 7.89
CA GLU F 85 -13.04 37.19 8.60
C GLU F 85 -11.69 36.57 8.21
N THR F 86 -11.62 35.25 8.20
CA THR F 86 -10.39 34.57 7.80
C THR F 86 -9.98 34.97 6.39
N ILE F 87 -10.93 34.94 5.46
CA ILE F 87 -10.58 35.21 4.06
C ILE F 87 -10.26 36.68 3.82
N ARG F 88 -10.91 37.57 4.55
CA ARG F 88 -10.57 38.99 4.44
C ARG F 88 -9.18 39.26 5.04
N GLN F 89 -8.67 38.31 5.82
CA GLN F 89 -7.33 38.42 6.43
C GLN F 89 -6.24 37.78 5.59
N ARG F 90 -6.55 36.65 4.98
CA ARG F 90 -5.62 36.03 4.04
C ARG F 90 -5.55 36.87 2.76
N LYS F 91 -6.56 37.70 2.52
CA LYS F 91 -6.53 38.64 1.40
C LYS F 91 -5.51 39.74 1.66
N GLU F 92 -5.53 40.29 2.87
CA GLU F 92 -4.53 41.27 3.30
C GLU F 92 -3.09 40.77 3.13
N ARG F 93 -2.86 39.50 3.47
CA ARG F 93 -1.55 38.89 3.29
C ARG F 93 -1.26 38.62 1.81
N ASP F 144 -14.69 38.50 -12.10
CA ASP F 144 -15.68 37.41 -12.11
C ASP F 144 -16.45 37.37 -10.79
N GLU F 145 -17.75 37.07 -10.88
CA GLU F 145 -18.60 37.03 -9.71
C GLU F 145 -19.84 36.17 -9.98
N VAL F 146 -20.27 35.42 -8.97
CA VAL F 146 -21.47 34.62 -9.07
C VAL F 146 -22.71 35.51 -8.92
N THR F 147 -23.65 35.40 -9.85
CA THR F 147 -24.88 36.20 -9.75
C THR F 147 -26.06 35.33 -9.39
N MET F 148 -27.09 35.95 -8.83
CA MET F 148 -28.27 35.20 -8.39
C MET F 148 -28.92 34.53 -9.59
N ASP F 149 -28.69 35.10 -10.77
CA ASP F 149 -29.22 34.52 -12.00
C ASP F 149 -28.56 33.19 -12.32
N MET F 150 -27.23 33.16 -12.23
CA MET F 150 -26.49 31.92 -12.39
C MET F 150 -27.01 30.85 -11.41
N ILE F 151 -27.16 31.22 -10.15
CA ILE F 151 -27.71 30.30 -9.15
C ILE F 151 -29.12 29.84 -9.54
N LYS F 152 -29.97 30.80 -9.93
CA LYS F 152 -31.34 30.50 -10.35
C LYS F 152 -31.34 29.56 -11.53
N GLU F 153 -30.40 29.78 -12.44
CA GLU F 153 -30.33 29.00 -13.67
C GLU F 153 -29.94 27.54 -13.46
N VAL F 154 -28.89 27.30 -12.66
CA VAL F 154 -28.46 25.90 -12.43
C VAL F 154 -29.52 25.20 -11.61
N GLN F 155 -30.17 25.94 -10.72
CA GLN F 155 -31.25 25.38 -9.93
C GLN F 155 -32.44 24.98 -10.82
N GLU F 156 -32.68 25.77 -11.88
CA GLU F 156 -33.73 25.45 -12.83
C GLU F 156 -33.32 24.21 -13.61
N LEU F 157 -32.04 24.14 -13.97
CA LEU F 157 -31.50 22.97 -14.66
C LEU F 157 -31.70 21.73 -13.81
N LEU F 158 -31.39 21.83 -12.52
CA LEU F 158 -31.56 20.69 -11.61
C LEU F 158 -33.05 20.26 -11.53
N SER F 159 -33.95 21.21 -11.33
CA SER F 159 -35.39 20.91 -11.28
C SER F 159 -35.86 20.22 -12.56
N ARG F 160 -35.35 20.65 -13.70
CA ARG F 160 -35.74 20.01 -14.95
C ARG F 160 -35.15 18.61 -15.07
N PHE F 161 -34.02 18.39 -14.40
CA PHE F 161 -33.47 17.03 -14.33
C PHE F 161 -34.19 16.15 -13.31
N GLY F 162 -35.10 16.73 -12.54
CA GLY F 162 -35.78 15.98 -11.50
C GLY F 162 -34.90 15.80 -10.28
N ILE F 163 -33.85 16.59 -10.17
CA ILE F 163 -32.89 16.46 -9.10
C ILE F 163 -33.20 17.43 -7.97
N PRO F 164 -33.44 16.91 -6.77
CA PRO F 164 -33.70 17.77 -5.61
C PRO F 164 -32.48 18.60 -5.21
N TYR F 165 -32.71 19.76 -4.63
CA TYR F 165 -31.63 20.57 -4.13
C TYR F 165 -32.08 21.33 -2.89
N ILE F 166 -31.12 21.69 -2.04
CA ILE F 166 -31.42 22.55 -0.90
C ILE F 166 -30.39 23.63 -0.79
N THR F 167 -30.72 24.68 -0.04
CA THR F 167 -29.78 25.71 0.26
C THR F 167 -29.51 25.66 1.74
N ALA F 168 -28.26 25.37 2.10
CA ALA F 168 -27.86 25.22 3.48
C ALA F 168 -28.03 26.56 4.20
N PRO F 169 -28.36 26.53 5.49
CA PRO F 169 -28.39 27.78 6.26
C PRO F 169 -27.06 28.54 6.13
N MET F 170 -25.96 27.80 6.26
CA MET F 170 -24.62 28.36 6.07
C MET F 170 -23.81 27.51 5.09
N GLU F 171 -22.78 26.83 5.62
CA GLU F 171 -21.90 26.01 4.77
C GLU F 171 -22.55 24.72 4.30
N ALA F 172 -22.45 24.49 3.01
CA ALA F 172 -22.94 23.25 2.40
C ALA F 172 -22.31 21.98 2.98
N GLU F 173 -21.03 22.05 3.34
CA GLU F 173 -20.35 20.88 3.91
C GLU F 173 -20.99 20.41 5.20
N ALA F 174 -21.22 21.34 6.11
CA ALA F 174 -21.86 21.02 7.37
C ALA F 174 -23.25 20.44 7.10
N GLN F 175 -23.98 21.04 6.15
CA GLN F 175 -25.34 20.58 5.86
C GLN F 175 -25.31 19.17 5.30
N CYS F 176 -24.33 18.89 4.45
CA CYS F 176 -24.14 17.53 3.92
C CYS F 176 -23.96 16.50 5.02
N ALA F 177 -23.20 16.85 6.05
CA ALA F 177 -22.87 15.90 7.10
C ALA F 177 -24.13 15.62 7.90
N GLU F 178 -24.88 16.68 8.13
CA GLU F 178 -26.18 16.57 8.77
C GLU F 178 -27.09 15.65 7.95
N LEU F 179 -27.08 15.82 6.64
CA LEU F 179 -27.93 14.98 5.79
C LEU F 179 -27.58 13.52 5.97
N LEU F 180 -26.28 13.23 6.11
CA LEU F 180 -25.85 11.85 6.27
C LEU F 180 -26.28 11.33 7.64
N GLN F 181 -26.04 12.13 8.67
CA GLN F 181 -26.34 11.79 10.04
C GLN F 181 -27.82 11.44 10.24
N LEU F 182 -28.69 12.07 9.46
CA LEU F 182 -30.15 11.84 9.52
C LEU F 182 -30.62 10.73 8.59
N ASN F 183 -29.68 10.07 7.91
CA ASN F 183 -30.01 9.04 6.92
C ASN F 183 -30.86 9.52 5.73
N LEU F 184 -30.78 10.81 5.43
CA LEU F 184 -31.39 11.34 4.21
C LEU F 184 -30.57 10.93 2.98
N VAL F 185 -29.28 10.64 3.18
CA VAL F 185 -28.40 10.18 2.09
C VAL F 185 -27.50 9.02 2.54
N ASP F 186 -26.84 8.38 1.58
CA ASP F 186 -25.97 7.24 1.86
C ASP F 186 -24.48 7.62 1.83
N GLY F 187 -24.20 8.81 1.30
CA GLY F 187 -22.84 9.28 1.12
C GLY F 187 -22.81 10.76 0.77
N ILE F 188 -21.63 11.36 0.90
CA ILE F 188 -21.42 12.75 0.56
C ILE F 188 -20.36 12.86 -0.53
N ILE F 189 -20.71 13.48 -1.65
CA ILE F 189 -19.74 13.81 -2.68
C ILE F 189 -19.22 15.23 -2.48
N THR F 190 -17.94 15.33 -2.14
CA THR F 190 -17.29 16.60 -1.87
C THR F 190 -15.78 16.42 -1.95
N ASP F 191 -15.06 17.51 -2.17
CA ASP F 191 -13.60 17.43 -2.21
C ASP F 191 -13.01 18.35 -1.15
N ASP F 192 -13.89 18.87 -0.29
CA ASP F 192 -13.50 19.79 0.75
C ASP F 192 -13.35 19.07 2.11
N SER F 193 -12.15 19.10 2.65
CA SER F 193 -11.83 18.34 3.86
C SER F 193 -12.51 18.86 5.11
N ASP F 194 -13.08 20.08 5.06
CA ASP F 194 -13.84 20.62 6.20
C ASP F 194 -14.94 19.66 6.66
N VAL F 195 -15.43 18.88 5.71
CA VAL F 195 -16.52 17.95 5.97
C VAL F 195 -16.24 16.99 7.16
N PHE F 196 -14.99 16.55 7.29
CA PHE F 196 -14.60 15.70 8.41
C PHE F 196 -14.81 16.46 9.71
N LEU F 197 -14.41 17.73 9.69
CA LEU F 197 -14.41 18.55 10.89
C LEU F 197 -15.82 18.86 11.35
N PHE F 198 -16.77 18.85 10.42
CA PHE F 198 -18.22 19.00 10.74
C PHE F 198 -18.87 17.68 11.13
N GLY F 199 -18.06 16.64 11.26
CA GLY F 199 -18.55 15.34 11.71
C GLY F 199 -18.95 14.42 10.60
N GLY F 200 -18.62 14.79 9.36
CA GLY F 200 -19.02 14.01 8.21
C GLY F 200 -18.21 12.74 8.06
N THR F 201 -18.76 11.79 7.33
CA THR F 201 -18.00 10.61 6.98
C THR F 201 -18.62 10.09 5.69
N LYS F 202 -18.19 8.92 5.21
CA LYS F 202 -18.62 8.44 3.90
C LYS F 202 -18.45 9.47 2.76
N ILE F 203 -17.22 9.94 2.62
CA ILE F 203 -16.86 10.98 1.69
C ILE F 203 -16.36 10.30 0.44
N TYR F 204 -16.86 10.75 -0.71
CA TYR F 204 -16.41 10.27 -1.99
C TYR F 204 -15.72 11.42 -2.70
N LYS F 205 -14.40 11.37 -2.69
CA LYS F 205 -13.54 12.40 -3.24
C LYS F 205 -13.21 12.08 -4.70
N ASN F 206 -13.01 13.13 -5.51
CA ASN F 206 -12.62 13.04 -6.93
C ASN F 206 -13.71 12.67 -7.89
N MET F 207 -14.97 12.86 -7.51
CA MET F 207 -16.08 12.45 -8.38
C MET F 207 -15.98 13.09 -9.76
N PHE F 208 -15.33 14.25 -9.84
CA PHE F 208 -15.25 15.01 -11.07
C PHE F 208 -13.81 15.38 -11.40
N HIS F 209 -12.87 14.60 -10.88
CA HIS F 209 -11.47 14.83 -11.17
C HIS F 209 -11.21 14.52 -12.64
N GLU F 210 -10.15 15.09 -13.19
CA GLU F 210 -9.81 14.82 -14.59
C GLU F 210 -8.99 13.54 -14.81
N LYS F 211 -8.15 13.16 -13.85
CA LYS F 211 -7.30 11.96 -13.98
C LYS F 211 -7.67 10.87 -12.97
N ASN F 212 -7.87 11.28 -11.71
CA ASN F 212 -7.94 10.38 -10.57
C ASN F 212 -9.31 9.78 -10.30
N TYR F 213 -9.34 8.47 -10.06
CA TYR F 213 -10.62 7.80 -9.78
C TYR F 213 -11.16 8.19 -8.41
N VAL F 214 -12.43 7.90 -8.18
CA VAL F 214 -13.14 8.23 -6.95
C VAL F 214 -12.53 7.49 -5.77
N GLU F 215 -12.44 8.14 -4.62
CA GLU F 215 -11.86 7.51 -3.43
C GLU F 215 -12.79 7.65 -2.26
N PHE F 216 -12.82 6.65 -1.39
CA PHE F 216 -13.71 6.62 -0.24
C PHE F 216 -12.93 6.89 1.05
N TYR F 217 -13.40 7.85 1.83
CA TYR F 217 -12.84 8.19 3.13
C TYR F 217 -13.93 8.14 4.19
N ASP F 218 -13.56 7.78 5.41
CA ASP F 218 -14.50 7.74 6.53
C ASP F 218 -13.76 8.08 7.82
N ALA F 219 -14.49 8.63 8.79
CA ALA F 219 -13.92 9.01 10.08
C ALA F 219 -13.28 7.86 10.85
N GLU F 220 -13.87 6.67 10.72
CA GLU F 220 -13.36 5.46 11.37
C GLU F 220 -11.94 5.11 10.91
N SER F 221 -11.71 5.14 9.61
CA SER F 221 -10.37 4.86 9.08
C SER F 221 -9.37 5.92 9.54
N ILE F 222 -9.80 7.17 9.59
CA ILE F 222 -8.92 8.22 10.07
C ILE F 222 -8.55 8.01 11.54
N LEU F 223 -9.53 7.60 12.34
CA LEU F 223 -9.31 7.36 13.75
C LEU F 223 -8.38 6.16 13.96
N LYS F 224 -8.68 5.06 13.28
CA LYS F 224 -7.96 3.82 13.49
C LYS F 224 -6.53 3.85 12.95
N LEU F 225 -6.29 4.62 11.88
CA LEU F 225 -5.01 4.57 11.17
C LEU F 225 -4.12 5.77 11.47
N LEU F 226 -4.74 6.91 11.76
CA LEU F 226 -4.00 8.12 12.01
C LEU F 226 -4.10 8.55 13.47
N GLY F 227 -4.91 7.84 14.25
CA GLY F 227 -5.14 8.23 15.63
C GLY F 227 -5.87 9.55 15.81
N LEU F 228 -6.51 10.04 14.76
CA LEU F 228 -7.15 11.35 14.86
C LEU F 228 -8.65 11.26 15.12
N ASP F 229 -9.08 11.84 16.23
CA ASP F 229 -10.53 11.98 16.44
C ASP F 229 -11.03 13.34 15.95
N ARG F 230 -12.27 13.66 16.30
CA ARG F 230 -12.94 14.83 15.79
C ARG F 230 -12.27 16.08 16.33
N LYS F 231 -12.04 16.10 17.64
CA LYS F 231 -11.40 17.23 18.26
C LYS F 231 -9.98 17.45 17.68
N ASN F 232 -9.23 16.35 17.50
CA ASN F 232 -7.88 16.41 16.91
C ASN F 232 -7.90 17.09 15.55
N MET F 233 -8.89 16.76 14.73
CA MET F 233 -8.98 17.40 13.42
C MET F 233 -9.26 18.88 13.52
N ILE F 234 -10.11 19.24 14.47
CA ILE F 234 -10.48 20.64 14.71
C ILE F 234 -9.26 21.41 15.21
N GLU F 235 -8.42 20.74 16.00
CA GLU F 235 -7.20 21.36 16.48
C GLU F 235 -6.12 21.44 15.38
N LEU F 236 -6.01 20.41 14.55
CA LEU F 236 -5.09 20.47 13.41
C LEU F 236 -5.36 21.68 12.51
N ALA F 237 -6.63 22.00 12.29
CA ALA F 237 -6.97 23.16 11.48
C ALA F 237 -6.27 24.40 12.04
N GLN F 238 -6.15 24.47 13.35
CA GLN F 238 -5.65 25.67 14.00
C GLN F 238 -4.12 25.76 13.87
N LEU F 239 -3.51 24.65 13.48
CA LEU F 239 -2.10 24.65 13.12
C LEU F 239 -1.91 24.85 11.62
N LEU F 240 -2.72 24.15 10.82
CA LEU F 240 -2.55 24.10 9.37
C LEU F 240 -3.29 25.22 8.62
N GLY F 241 -4.32 25.78 9.25
CA GLY F 241 -5.16 26.76 8.58
C GLY F 241 -6.37 26.14 7.89
N SER F 242 -7.45 26.89 7.83
CA SER F 242 -8.63 26.48 7.09
C SER F 242 -9.45 27.73 6.81
N ASP F 243 -10.69 27.53 6.41
CA ASP F 243 -11.59 28.67 6.19
C ASP F 243 -11.94 29.36 7.51
N TYR F 244 -11.61 28.73 8.63
CA TYR F 244 -12.01 29.24 9.93
C TYR F 244 -10.84 29.74 10.79
N THR F 245 -9.63 29.60 10.27
CA THR F 245 -8.45 29.95 11.03
C THR F 245 -7.22 29.98 10.13
N ASN F 246 -6.29 30.88 10.41
CA ASN F 246 -5.11 31.05 9.56
C ASN F 246 -3.92 30.14 9.87
N GLY F 247 -4.01 29.41 10.98
CA GLY F 247 -2.97 28.45 11.34
C GLY F 247 -1.71 29.17 11.78
N LEU F 248 -0.61 28.43 11.89
CA LEU F 248 0.65 29.00 12.35
C LEU F 248 1.68 28.95 11.25
N LYS F 249 2.38 30.07 11.06
CA LYS F 249 3.51 30.12 10.15
C LYS F 249 4.50 29.01 10.52
N GLY F 250 4.97 28.27 9.51
CA GLY F 250 5.97 27.25 9.73
C GLY F 250 5.43 25.87 10.08
N MET F 251 4.14 25.79 10.35
CA MET F 251 3.54 24.49 10.70
C MET F 251 2.90 23.84 9.48
N GLY F 252 3.56 22.83 8.91
CA GLY F 252 2.98 22.08 7.82
C GLY F 252 2.48 20.75 8.32
N PRO F 253 2.11 19.86 7.40
CA PRO F 253 1.50 18.60 7.84
C PRO F 253 2.37 17.75 8.76
N VAL F 254 3.70 17.70 8.53
CA VAL F 254 4.55 16.88 9.40
C VAL F 254 4.62 17.41 10.84
N SER F 255 4.86 18.72 10.99
CA SER F 255 4.99 19.34 12.30
C SER F 255 3.68 19.34 13.08
N SER F 256 2.60 19.64 12.38
CA SER F 256 1.29 19.72 13.03
C SER F 256 0.84 18.38 13.59
N ILE F 257 1.00 17.31 12.84
CA ILE F 257 0.72 15.96 13.35
C ILE F 257 1.58 15.65 14.57
N GLU F 258 2.86 16.02 14.54
CA GLU F 258 3.76 15.76 15.66
C GLU F 258 3.32 16.52 16.92
N VAL F 259 2.88 17.76 16.74
CA VAL F 259 2.36 18.56 17.84
C VAL F 259 1.15 17.89 18.52
N ILE F 260 0.17 17.45 17.73
CA ILE F 260 -0.98 16.76 18.30
C ILE F 260 -0.56 15.48 19.01
N ALA F 261 0.34 14.75 18.37
CA ALA F 261 0.82 13.48 18.87
C ALA F 261 1.52 13.63 20.21
N GLU F 262 2.44 14.59 20.28
CA GLU F 262 3.29 14.74 21.45
C GLU F 262 2.62 15.48 22.60
N PHE F 263 1.75 16.44 22.29
CA PHE F 263 1.16 17.28 23.34
C PHE F 263 -0.30 16.95 23.64
N GLY F 264 -0.93 16.08 22.86
CA GLY F 264 -2.32 15.74 23.11
C GLY F 264 -3.28 16.83 22.64
N ASN F 265 -3.11 18.05 23.12
CA ASN F 265 -4.00 19.13 22.71
C ASN F 265 -3.31 20.47 22.68
N LEU F 266 -3.89 21.40 21.95
CA LEU F 266 -3.29 22.70 21.72
C LEU F 266 -2.96 23.49 22.98
N LYS F 267 -3.85 23.45 23.98
CA LYS F 267 -3.62 24.16 25.23
C LYS F 267 -2.33 23.68 25.93
N ASN F 268 -2.10 22.37 25.97
CA ASN F 268 -0.81 21.88 26.45
C ASN F 268 0.35 22.39 25.64
N PHE F 269 0.21 22.40 24.33
CA PHE F 269 1.24 22.90 23.43
C PHE F 269 1.54 24.36 23.77
N LYS F 270 0.50 25.18 23.90
CA LYS F 270 0.67 26.59 24.23
C LYS F 270 1.36 26.78 25.57
N ASP F 271 0.85 26.10 26.58
CA ASP F 271 1.43 26.17 27.92
C ASP F 271 2.92 25.84 27.89
N TRP F 272 3.26 24.72 27.25
CA TRP F 272 4.67 24.33 27.12
C TRP F 272 5.51 25.44 26.49
N TYR F 273 4.99 26.07 25.46
CA TYR F 273 5.72 27.10 24.74
C TYR F 273 5.86 28.36 25.57
N ASN F 274 4.74 28.93 25.97
CA ASN F 274 4.75 30.15 26.76
C ASN F 274 5.54 30.03 28.08
N ASN F 275 5.40 28.92 28.80
CA ASN F 275 6.12 28.74 30.05
C ASN F 275 7.60 28.69 29.83
N GLY F 276 8.01 28.07 28.72
CA GLY F 276 9.41 27.96 28.39
C GLY F 276 10.02 29.27 27.91
N GLN F 277 9.16 30.18 27.46
CA GLN F 277 9.61 31.49 26.98
C GLN F 277 9.73 32.47 28.14
N PHE F 278 8.88 32.29 29.15
CA PHE F 278 8.86 33.14 30.31
C PHE F 278 9.95 32.76 31.30
N ASP F 279 10.03 31.47 31.63
CA ASP F 279 11.07 30.91 32.47
C ASP F 279 12.01 30.08 31.60
N LYS F 280 13.04 30.71 31.05
CA LYS F 280 13.88 30.07 30.05
C LYS F 280 14.70 28.89 30.58
N ARG F 281 14.77 28.75 31.90
CA ARG F 281 15.57 27.67 32.46
C ARG F 281 14.83 26.34 32.29
N LYS F 282 13.53 26.40 32.06
CA LYS F 282 12.77 25.19 31.76
C LYS F 282 13.34 24.53 30.50
N GLN F 283 13.93 25.36 29.65
CA GLN F 283 14.41 24.92 28.34
C GLN F 283 15.60 24.01 28.46
N GLU F 284 16.38 24.21 29.52
CA GLU F 284 17.64 23.49 29.71
C GLU F 284 17.46 21.98 29.64
N THR F 285 16.30 21.50 30.09
CA THR F 285 15.99 20.08 30.06
C THR F 285 15.15 19.63 28.86
N GLU F 286 15.09 20.44 27.81
CA GLU F 286 14.28 20.08 26.65
C GLU F 286 14.98 19.10 25.73
N ASN F 287 14.25 18.09 25.28
CA ASN F 287 14.76 17.11 24.33
C ASN F 287 14.89 17.72 22.94
N LYS F 288 15.37 16.92 22.00
CA LYS F 288 15.52 17.36 20.63
C LYS F 288 14.21 17.93 20.07
N PHE F 289 13.14 17.14 20.18
CA PHE F 289 11.87 17.55 19.58
C PHE F 289 11.42 18.92 20.08
N GLU F 290 11.57 19.15 21.38
CA GLU F 290 11.11 20.39 21.98
C GLU F 290 12.04 21.54 21.61
N LYS F 291 13.35 21.34 21.78
CA LYS F 291 14.33 22.34 21.41
C LYS F 291 14.17 22.77 19.94
N ASP F 292 14.08 21.80 19.05
CA ASP F 292 13.88 22.11 17.63
C ASP F 292 12.57 22.87 17.42
N LEU F 293 11.49 22.34 17.98
CA LEU F 293 10.19 22.97 17.81
C LEU F 293 10.16 24.40 18.37
N ARG F 294 10.73 24.58 19.55
CA ARG F 294 10.75 25.90 20.18
C ARG F 294 11.46 26.96 19.30
N LYS F 295 12.62 26.60 18.77
CA LYS F 295 13.40 27.51 17.94
C LYS F 295 12.66 27.81 16.66
N LYS F 296 12.02 26.79 16.10
CA LYS F 296 11.21 26.97 14.90
C LYS F 296 10.06 27.94 15.14
N LEU F 297 9.40 27.80 16.29
CA LEU F 297 8.31 28.71 16.63
C LEU F 297 8.86 30.10 16.93
N VAL F 298 10.02 30.17 17.54
CA VAL F 298 10.64 31.45 17.83
C VAL F 298 11.01 32.17 16.53
N ASN F 299 11.70 31.46 15.63
CA ASN F 299 12.06 32.02 14.32
C ASN F 299 10.88 32.56 13.51
N ASN F 300 9.71 31.95 13.66
CA ASN F 300 8.52 32.34 12.89
C ASN F 300 7.65 33.31 13.69
N GLU F 301 8.19 33.78 14.81
CA GLU F 301 7.53 34.80 15.62
C GLU F 301 6.11 34.41 16.02
N ILE F 302 5.95 33.14 16.41
CA ILE F 302 4.65 32.64 16.80
C ILE F 302 4.23 33.20 18.16
N ILE F 303 2.95 33.56 18.26
CA ILE F 303 2.39 34.02 19.50
C ILE F 303 1.11 33.26 19.78
N LEU F 304 1.07 32.55 20.90
CA LEU F 304 -0.09 31.76 21.27
C LEU F 304 -0.75 32.35 22.50
N ASP F 305 -1.90 32.99 22.29
CA ASP F 305 -2.60 33.71 23.35
C ASP F 305 -3.88 33.01 23.80
N ASP F 306 -4.88 33.80 24.16
CA ASP F 306 -6.10 33.25 24.75
C ASP F 306 -7.06 32.67 23.72
N ASP F 307 -6.96 33.13 22.47
CA ASP F 307 -7.79 32.61 21.39
C ASP F 307 -7.20 31.32 20.83
N PHE F 308 -6.14 30.84 21.47
CA PHE F 308 -5.48 29.62 21.02
C PHE F 308 -5.45 28.58 22.14
N PRO F 309 -6.17 27.46 21.97
CA PRO F 309 -7.09 27.11 20.87
C PRO F 309 -8.37 27.93 20.96
N SER F 310 -9.13 28.02 19.87
CA SER F 310 -10.29 28.90 19.83
C SER F 310 -11.62 28.19 20.11
N VAL F 311 -12.31 28.61 21.17
CA VAL F 311 -13.65 28.12 21.46
C VAL F 311 -14.56 28.41 20.28
N MET F 312 -14.24 29.48 19.57
CA MET F 312 -15.04 29.91 18.43
C MET F 312 -14.92 28.92 17.29
N VAL F 313 -13.69 28.50 17.02
CA VAL F 313 -13.43 27.53 15.98
C VAL F 313 -14.10 26.20 16.36
N TYR F 314 -13.93 25.82 17.62
CA TYR F 314 -14.54 24.59 18.11
C TYR F 314 -16.06 24.63 17.90
N ASP F 315 -16.68 25.76 18.21
CA ASP F 315 -18.14 25.82 18.12
C ASP F 315 -18.59 25.83 16.66
N ALA F 316 -17.83 26.51 15.81
CA ALA F 316 -18.16 26.59 14.39
C ALA F 316 -18.16 25.21 13.73
N TYR F 317 -17.26 24.34 14.16
CA TYR F 317 -17.15 23.00 13.60
C TYR F 317 -18.09 22.01 14.29
N MET F 318 -18.22 22.13 15.62
CA MET F 318 -19.04 21.19 16.41
C MET F 318 -20.53 21.54 16.37
N ARG F 319 -20.83 22.82 16.29
CA ARG F 319 -22.23 23.25 16.28
C ARG F 319 -22.54 24.14 15.08
N PRO F 320 -22.21 23.69 13.86
CA PRO F 320 -22.54 24.56 12.73
C PRO F 320 -24.04 24.74 12.63
N GLU F 321 -24.48 25.80 11.97
CA GLU F 321 -25.90 26.06 11.74
C GLU F 321 -26.40 25.17 10.61
N VAL F 322 -27.28 24.24 10.90
CA VAL F 322 -27.81 23.33 9.87
C VAL F 322 -29.32 23.12 9.99
N ASP F 323 -29.92 22.63 8.91
CA ASP F 323 -31.35 22.35 8.86
C ASP F 323 -31.59 20.92 9.27
N HIS F 324 -32.30 20.72 10.38
CA HIS F 324 -32.47 19.38 10.97
C HIS F 324 -33.67 18.63 10.40
N ASP F 325 -34.26 19.19 9.35
CA ASP F 325 -35.45 18.64 8.71
C ASP F 325 -35.24 17.18 8.35
N THR F 326 -36.26 16.35 8.53
CA THR F 326 -36.11 14.91 8.33
C THR F 326 -36.90 14.40 7.14
N THR F 327 -37.53 15.32 6.41
CA THR F 327 -38.29 14.95 5.22
C THR F 327 -37.36 14.45 4.12
N PRO F 328 -37.56 13.19 3.72
CA PRO F 328 -36.80 12.55 2.64
C PRO F 328 -36.95 13.28 1.32
N PHE F 329 -35.85 13.37 0.58
CA PHE F 329 -35.85 14.06 -0.69
C PHE F 329 -36.60 13.22 -1.72
N VAL F 330 -37.06 13.87 -2.78
CA VAL F 330 -37.77 13.17 -3.84
C VAL F 330 -36.96 13.28 -5.11
N TRP F 331 -36.81 12.15 -5.79
CA TRP F 331 -36.14 12.16 -7.09
C TRP F 331 -37.15 12.07 -8.24
N GLY F 332 -37.26 13.15 -8.99
CA GLY F 332 -38.14 13.18 -10.14
C GLY F 332 -37.49 12.50 -11.30
N VAL F 333 -38.24 12.37 -12.39
CA VAL F 333 -37.71 11.90 -13.65
C VAL F 333 -37.35 13.15 -14.44
N PRO F 334 -36.22 13.11 -15.17
CA PRO F 334 -35.83 14.27 -15.97
C PRO F 334 -36.81 14.52 -17.13
N ASP F 335 -37.12 15.79 -17.34
CA ASP F 335 -38.14 16.25 -18.29
C ASP F 335 -37.50 16.59 -19.63
N LEU F 336 -37.54 15.66 -20.58
CA LEU F 336 -36.87 15.87 -21.86
C LEU F 336 -37.32 17.16 -22.58
N ASP F 337 -38.63 17.42 -22.55
CA ASP F 337 -39.18 18.59 -23.24
C ASP F 337 -38.59 19.84 -22.65
N MET F 338 -38.54 19.91 -21.32
CA MET F 338 -38.07 21.14 -20.67
C MET F 338 -36.56 21.29 -20.74
N LEU F 339 -35.86 20.16 -20.83
CA LEU F 339 -34.42 20.18 -20.96
C LEU F 339 -34.02 20.61 -22.37
N ARG F 340 -34.70 20.06 -23.38
CA ARG F 340 -34.55 20.51 -24.78
C ARG F 340 -34.60 22.02 -24.91
N SER F 341 -35.70 22.63 -24.45
CA SER F 341 -35.86 24.07 -24.55
C SER F 341 -34.90 24.86 -23.65
N PHE F 342 -34.59 24.30 -22.49
CA PHE F 342 -33.63 24.97 -21.61
C PHE F 342 -32.26 25.07 -22.30
N MET F 343 -31.76 23.94 -22.78
CA MET F 343 -30.49 23.95 -23.49
C MET F 343 -30.57 24.80 -24.76
N LYS F 344 -31.69 24.69 -25.46
CA LYS F 344 -31.94 25.53 -26.65
C LYS F 344 -31.77 27.00 -26.31
N THR F 345 -32.51 27.45 -25.31
CA THR F 345 -32.49 28.85 -24.91
C THR F 345 -31.13 29.28 -24.39
N GLN F 346 -30.48 28.39 -23.65
CA GLN F 346 -29.30 28.77 -22.87
C GLN F 346 -27.99 28.67 -23.64
N LEU F 347 -27.88 27.66 -24.49
CA LEU F 347 -26.62 27.39 -25.17
C LEU F 347 -26.82 27.21 -26.66
N GLY F 348 -28.04 27.38 -27.14
CA GLY F 348 -28.32 27.22 -28.55
C GLY F 348 -28.23 25.79 -29.04
N TRP F 349 -28.27 24.82 -28.14
CA TRP F 349 -28.27 23.42 -28.54
C TRP F 349 -29.58 23.13 -29.26
N PRO F 350 -29.49 22.60 -30.49
CA PRO F 350 -30.71 22.06 -31.11
C PRO F 350 -31.25 20.89 -30.29
N HIS F 351 -32.54 20.60 -30.40
CA HIS F 351 -33.14 19.56 -29.58
C HIS F 351 -32.51 18.18 -29.82
N GLU F 352 -32.07 17.91 -31.04
CA GLU F 352 -31.51 16.60 -31.32
CA GLU F 352 -31.47 16.62 -31.37
C GLU F 352 -30.17 16.42 -30.60
N LYS F 353 -29.40 17.50 -30.47
CA LYS F 353 -28.16 17.50 -29.72
C LYS F 353 -28.43 17.14 -28.25
N SER F 354 -29.37 17.85 -27.64
CA SER F 354 -29.83 17.51 -26.31
C SER F 354 -30.26 16.06 -26.26
N ASP F 355 -30.98 15.61 -27.28
CA ASP F 355 -31.54 14.27 -27.30
C ASP F 355 -30.47 13.18 -27.28
N GLU F 356 -29.38 13.38 -28.01
CA GLU F 356 -28.36 12.37 -28.16
C GLU F 356 -27.71 12.07 -26.82
N ILE F 357 -27.55 13.13 -26.03
CA ILE F 357 -27.05 13.00 -24.68
C ILE F 357 -28.11 12.49 -23.71
N LEU F 358 -29.23 13.19 -23.63
CA LEU F 358 -30.19 12.93 -22.56
C LEU F 358 -30.98 11.63 -22.68
N ILE F 359 -31.23 11.18 -23.91
CA ILE F 359 -32.10 10.02 -24.09
C ILE F 359 -31.53 8.72 -23.52
N PRO F 360 -30.25 8.42 -23.82
CA PRO F 360 -29.63 7.24 -23.18
C PRO F 360 -29.71 7.28 -21.65
N LEU F 361 -29.85 8.46 -21.05
CA LEU F 361 -29.91 8.61 -19.60
C LEU F 361 -31.31 8.39 -19.02
N ILE F 362 -32.34 8.45 -19.86
CA ILE F 362 -33.70 8.34 -19.34
C ILE F 362 -34.31 6.95 -19.55
CA CA I . -36.48 -18.57 5.98
K K J . -20.07 -17.15 9.93
CA CA K . 15.47 -16.37 1.09
K K L . -1.11 -12.52 -1.99
CA CA M . 36.81 29.11 -1.79
K K N . 19.94 32.59 -4.01
CA CA O . -15.35 25.28 2.79
K K P . 1.18 27.15 7.58
#